data_7KOV
#
_entry.id   7KOV
#
_cell.length_a   102.182
_cell.length_b   102.182
_cell.length_c   301.935
_cell.angle_alpha   90.000
_cell.angle_beta   90.000
_cell.angle_gamma   120.000
#
_symmetry.space_group_name_H-M   'P 61 2 2'
#
loop_
_entity.id
_entity.type
_entity.pdbx_description
1 polymer 'Cysteine dioxygenase type I protein'
2 non-polymer 'FE (III) ION'
3 non-polymer 'THIOCYANATE ION'
4 non-polymer 'CHLORIDE ION'
5 water water
#
_entity_poly.entity_id   1
_entity_poly.type   'polypeptide(L)'
_entity_poly.pdbx_seq_one_letter_code
;MSESPLRLDRLRDFVSALGELLDRHPDEESVLREGRSLLGELVRHDDWLPEEFAQPDPERYQQYLLHADSRQRFSVVSFV
WGPGQTTPVHDHRVWGLIGMLRGAEDAQSFELGAEGLRPIGDPVRLSPGQVEAVSPRIGDIHRVFNASPDQPSISIHVYG
ANIGAVRRAVYLPDGSEKPFISGYSNQFLPNIWDQSKESARPVDLVPR
;
_entity_poly.pdbx_strand_id   B,A,C,D
#
# COMPACT_ATOMS: atom_id res chain seq x y z
N PRO A 5 34.37 3.51 -24.35
CA PRO A 5 33.53 2.44 -23.77
C PRO A 5 32.86 2.86 -22.45
N LEU A 6 31.55 2.62 -22.33
CA LEU A 6 30.71 3.15 -21.21
C LEU A 6 31.15 2.53 -19.89
N ARG A 7 31.35 3.37 -18.87
CA ARG A 7 31.82 2.96 -17.52
C ARG A 7 30.61 2.76 -16.61
N LEU A 8 29.76 1.78 -16.94
CA LEU A 8 28.51 1.48 -16.18
C LEU A 8 28.83 1.07 -14.74
N ASP A 9 30.02 0.52 -14.50
CA ASP A 9 30.53 0.15 -13.15
C ASP A 9 30.33 1.31 -12.16
N ARG A 10 30.46 2.56 -12.63
CA ARG A 10 30.27 3.78 -11.81
C ARG A 10 28.88 3.78 -11.17
N LEU A 11 27.85 3.50 -11.97
CA LEU A 11 26.43 3.49 -11.55
C LEU A 11 26.16 2.25 -10.69
N ARG A 12 26.72 1.10 -11.06
CA ARG A 12 26.63 -0.17 -10.29
C ARG A 12 27.19 0.06 -8.89
N ASP A 13 28.35 0.73 -8.80
CA ASP A 13 29.09 0.97 -7.52
C ASP A 13 28.30 1.97 -6.66
N PHE A 14 27.71 3.00 -7.27
CA PHE A 14 26.87 4.03 -6.59
C PHE A 14 25.65 3.35 -5.94
N VAL A 15 24.95 2.53 -6.70
CA VAL A 15 23.71 1.81 -6.28
C VAL A 15 24.05 0.91 -5.07
N SER A 16 25.17 0.17 -5.16
CA SER A 16 25.64 -0.77 -4.10
C SER A 16 25.98 0.01 -2.83
N ALA A 17 26.72 1.11 -2.95
CA ALA A 17 27.16 2.00 -1.86
C ALA A 17 25.92 2.61 -1.17
N LEU A 18 24.94 3.05 -1.96
CA LEU A 18 23.68 3.69 -1.48
C LEU A 18 22.78 2.64 -0.83
N GLY A 19 22.86 1.39 -1.28
CA GLY A 19 22.20 0.23 -0.64
C GLY A 19 22.78 -0.04 0.74
N GLU A 20 24.12 -0.12 0.82
CA GLU A 20 24.89 -0.29 2.09
C GLU A 20 24.47 0.80 3.08
N LEU A 21 24.47 2.06 2.61
CA LEU A 21 24.14 3.27 3.41
C LEU A 21 22.78 3.08 4.10
N LEU A 22 21.73 2.76 3.33
CA LEU A 22 20.33 2.75 3.82
C LEU A 22 20.04 1.50 4.66
N ASP A 23 20.90 0.48 4.63
CA ASP A 23 20.73 -0.76 5.44
C ASP A 23 21.34 -0.56 6.83
N ARG A 24 22.07 0.55 7.06
CA ARG A 24 22.53 0.99 8.41
C ARG A 24 21.44 1.88 9.05
N HIS A 25 20.23 1.89 8.47
CA HIS A 25 19.02 2.60 8.95
C HIS A 25 19.36 3.99 9.48
N PRO A 26 20.02 4.86 8.69
CA PRO A 26 20.45 6.17 9.17
C PRO A 26 19.29 7.19 9.18
N ASP A 27 19.51 8.34 9.83
CA ASP A 27 18.55 9.48 9.90
C ASP A 27 18.68 10.29 8.60
N GLU A 28 17.69 11.14 8.28
CA GLU A 28 17.65 11.92 7.01
C GLU A 28 18.88 12.84 6.91
N GLU A 29 19.35 13.39 8.04
CA GLU A 29 20.51 14.34 8.11
C GLU A 29 21.77 13.64 7.57
N SER A 30 22.01 12.38 7.98
CA SER A 30 23.20 11.56 7.64
C SER A 30 23.10 11.02 6.21
N VAL A 31 21.89 10.67 5.75
CA VAL A 31 21.62 10.13 4.38
C VAL A 31 22.03 11.16 3.34
N LEU A 32 21.60 12.42 3.52
CA LEU A 32 21.89 13.55 2.58
C LEU A 32 23.38 13.87 2.60
N ARG A 33 24.01 13.89 3.78
CA ARG A 33 25.44 14.27 3.96
C ARG A 33 26.35 13.25 3.25
N GLU A 34 26.14 11.95 3.49
CA GLU A 34 26.95 10.85 2.89
C GLU A 34 26.48 10.56 1.47
N GLY A 35 25.18 10.71 1.20
CA GLY A 35 24.56 10.49 -0.12
C GLY A 35 25.11 11.44 -1.17
N ARG A 36 25.23 12.73 -0.84
CA ARG A 36 25.68 13.80 -1.78
C ARG A 36 27.17 13.60 -2.09
N SER A 37 27.91 12.94 -1.20
CA SER A 37 29.33 12.55 -1.41
C SER A 37 29.41 11.48 -2.50
N LEU A 38 28.55 10.45 -2.42
CA LEU A 38 28.47 9.32 -3.37
C LEU A 38 27.99 9.81 -4.73
N LEU A 39 26.97 10.68 -4.74
CA LEU A 39 26.38 11.24 -5.99
C LEU A 39 27.40 12.20 -6.64
N GLY A 40 28.15 12.95 -5.82
CA GLY A 40 29.28 13.78 -6.29
C GLY A 40 30.27 12.95 -7.08
N GLU A 41 30.62 11.76 -6.58
CA GLU A 41 31.60 10.82 -7.19
C GLU A 41 31.08 10.33 -8.54
N LEU A 42 29.76 10.20 -8.71
CA LEU A 42 29.12 9.66 -9.93
C LEU A 42 29.10 10.72 -11.04
N VAL A 43 28.59 11.93 -10.76
CA VAL A 43 28.25 12.97 -11.77
C VAL A 43 29.48 13.82 -12.14
N ARG A 44 30.60 13.67 -11.42
CA ARG A 44 31.88 14.34 -11.76
C ARG A 44 32.39 13.79 -13.10
N HIS A 45 32.20 12.50 -13.35
CA HIS A 45 32.56 11.80 -14.62
C HIS A 45 31.32 11.67 -15.50
N ASP A 46 31.37 12.14 -16.76
CA ASP A 46 30.26 12.04 -17.74
C ASP A 46 30.68 11.07 -18.85
N ASP A 47 30.83 9.79 -18.52
CA ASP A 47 31.36 8.74 -19.44
C ASP A 47 30.65 7.40 -19.19
N TRP A 48 29.43 7.42 -18.64
CA TRP A 48 28.73 6.20 -18.14
C TRP A 48 27.25 6.17 -18.56
N LEU A 49 26.57 7.32 -18.60
CA LEU A 49 25.13 7.40 -18.95
C LEU A 49 24.92 6.95 -20.39
N PRO A 50 24.19 5.84 -20.63
CA PRO A 50 23.86 5.43 -21.99
C PRO A 50 23.07 6.50 -22.76
N GLU A 51 23.40 6.70 -24.04
CA GLU A 51 22.83 7.74 -24.93
C GLU A 51 21.30 7.63 -24.95
N GLU A 52 20.78 6.40 -24.84
CA GLU A 52 19.32 6.11 -24.88
C GLU A 52 18.59 6.92 -23.78
N PHE A 53 19.25 7.12 -22.63
CA PHE A 53 18.68 7.78 -21.43
C PHE A 53 19.31 9.17 -21.24
N ALA A 54 19.70 9.82 -22.34
CA ALA A 54 20.19 11.23 -22.39
C ALA A 54 19.46 12.00 -23.49
N GLN A 55 18.38 11.45 -24.06
CA GLN A 55 17.70 11.97 -25.26
C GLN A 55 16.67 13.01 -24.85
N PRO A 56 16.77 14.27 -25.36
CA PRO A 56 15.72 15.26 -25.15
C PRO A 56 14.49 14.98 -26.06
N ASP A 57 13.30 15.25 -25.53
CA ASP A 57 12.04 15.32 -26.31
C ASP A 57 11.71 16.80 -26.49
N PRO A 58 11.24 17.24 -27.68
CA PRO A 58 10.94 18.65 -27.91
C PRO A 58 9.63 19.19 -27.29
N GLU A 59 8.81 18.34 -26.68
CA GLU A 59 7.48 18.75 -26.10
C GLU A 59 7.56 18.84 -24.57
N ARG A 60 7.97 17.76 -23.90
CA ARG A 60 8.10 17.68 -22.42
C ARG A 60 9.51 17.21 -22.04
N TYR A 61 10.00 17.65 -20.87
CA TYR A 61 11.25 17.13 -20.24
C TYR A 61 11.07 15.64 -19.95
N GLN A 62 12.12 14.85 -20.17
CA GLN A 62 12.10 13.37 -20.06
C GLN A 62 12.64 12.94 -18.70
N GLN A 63 12.02 11.90 -18.10
CA GLN A 63 12.43 11.29 -16.82
C GLN A 63 12.72 9.80 -17.06
N TYR A 64 14.00 9.45 -17.21
CA TYR A 64 14.46 8.06 -17.49
C TYR A 64 14.89 7.38 -16.19
N LEU A 65 14.16 6.34 -15.76
CA LEU A 65 14.54 5.52 -14.58
C LEU A 65 15.77 4.68 -14.95
N LEU A 66 16.83 4.75 -14.14
CA LEU A 66 18.11 3.99 -14.35
C LEU A 66 18.13 2.76 -13.43
N HIS A 67 17.64 2.91 -12.19
CA HIS A 67 17.59 1.81 -11.19
C HIS A 67 16.55 2.10 -10.10
N ALA A 68 15.87 1.06 -9.62
CA ALA A 68 14.96 1.09 -8.46
C ALA A 68 15.31 -0.05 -7.51
N ASP A 69 15.37 0.22 -6.20
CA ASP A 69 15.66 -0.79 -5.14
C ASP A 69 14.49 -1.79 -5.10
N SER A 70 14.79 -3.05 -4.79
CA SER A 70 13.82 -4.17 -4.69
C SER A 70 12.64 -3.77 -3.80
N ARG A 71 12.91 -3.10 -2.68
CA ARG A 71 11.92 -2.74 -1.63
C ARG A 71 11.42 -1.31 -1.85
N GLN A 72 11.77 -0.67 -2.97
CA GLN A 72 11.43 0.74 -3.30
C GLN A 72 11.98 1.67 -2.20
N ARG A 73 13.14 1.33 -1.62
CA ARG A 73 13.87 2.17 -0.63
C ARG A 73 14.32 3.47 -1.31
N PHE A 74 14.80 3.37 -2.56
CA PHE A 74 15.32 4.51 -3.35
C PHE A 74 15.21 4.20 -4.85
N SER A 75 15.37 5.24 -5.67
CA SER A 75 15.40 5.18 -7.16
C SER A 75 16.40 6.22 -7.69
N VAL A 76 17.01 5.93 -8.84
CA VAL A 76 18.00 6.81 -9.53
C VAL A 76 17.46 7.13 -10.92
N VAL A 77 17.26 8.41 -11.22
CA VAL A 77 16.54 8.88 -12.44
C VAL A 77 17.40 9.91 -13.18
N SER A 78 17.54 9.74 -14.50
CA SER A 78 18.13 10.73 -15.43
C SER A 78 17.03 11.66 -15.92
N PHE A 79 17.05 12.93 -15.49
CA PHE A 79 16.16 14.01 -15.99
C PHE A 79 16.88 14.73 -17.13
N VAL A 80 16.21 14.89 -18.28
CA VAL A 80 16.81 15.50 -19.52
C VAL A 80 15.89 16.63 -20.00
N TRP A 81 16.37 17.87 -19.93
CA TRP A 81 15.67 19.09 -20.41
C TRP A 81 16.21 19.49 -21.79
N GLY A 82 15.32 19.67 -22.77
CA GLY A 82 15.62 20.31 -24.06
C GLY A 82 15.78 21.82 -23.89
N PRO A 83 16.24 22.54 -24.93
CA PRO A 83 16.42 24.00 -24.84
C PRO A 83 15.17 24.73 -24.31
N GLY A 84 15.35 25.51 -23.24
CA GLY A 84 14.30 26.36 -22.63
C GLY A 84 13.09 25.57 -22.18
N GLN A 85 13.27 24.33 -21.72
CA GLN A 85 12.22 23.51 -21.07
C GLN A 85 12.31 23.71 -19.55
N THR A 86 11.35 23.18 -18.80
CA THR A 86 11.23 23.35 -17.33
C THR A 86 10.27 22.31 -16.73
N THR A 87 10.52 21.91 -15.49
CA THR A 87 9.54 21.21 -14.62
C THR A 87 8.51 22.24 -14.16
N PRO A 88 7.30 21.81 -13.73
CA PRO A 88 6.40 22.71 -13.00
C PRO A 88 6.97 22.87 -11.60
N VAL A 89 6.47 23.85 -10.84
CA VAL A 89 6.73 23.94 -9.37
C VAL A 89 6.13 22.67 -8.76
N HIS A 90 6.91 21.91 -7.98
CA HIS A 90 6.51 20.59 -7.44
C HIS A 90 7.22 20.32 -6.11
N ASP A 91 6.64 19.45 -5.28
CA ASP A 91 7.27 18.89 -4.06
C ASP A 91 7.60 17.42 -4.33
N HIS A 92 8.18 16.72 -3.35
CA HIS A 92 8.71 15.33 -3.48
C HIS A 92 8.13 14.42 -2.40
N ARG A 93 7.99 14.95 -1.17
CA ARG A 93 7.42 14.24 0.01
C ARG A 93 8.34 13.08 0.41
N VAL A 94 9.60 13.13 -0.04
CA VAL A 94 10.71 12.21 0.33
C VAL A 94 12.02 12.98 0.15
N TRP A 95 13.10 12.54 0.78
CA TRP A 95 14.45 13.14 0.59
C TRP A 95 14.87 12.95 -0.87
N GLY A 96 15.50 13.97 -1.45
CA GLY A 96 16.00 13.97 -2.84
C GLY A 96 17.41 14.53 -2.91
N LEU A 97 18.19 14.06 -3.89
CA LEU A 97 19.54 14.59 -4.23
C LEU A 97 19.60 14.80 -5.75
N ILE A 98 19.80 16.04 -6.19
CA ILE A 98 19.97 16.38 -7.64
C ILE A 98 21.46 16.57 -7.91
N GLY A 99 22.06 15.65 -8.68
CA GLY A 99 23.45 15.72 -9.16
C GLY A 99 23.50 16.23 -10.59
N MET A 100 24.11 17.38 -10.82
CA MET A 100 24.25 17.99 -12.17
C MET A 100 25.32 17.23 -12.96
N LEU A 101 25.02 16.87 -14.21
CA LEU A 101 25.88 15.97 -15.05
C LEU A 101 26.41 16.73 -16.27
N ARG A 102 25.52 17.35 -17.05
CA ARG A 102 25.82 17.92 -18.38
C ARG A 102 24.95 19.14 -18.65
N GLY A 103 25.53 20.18 -19.25
CA GLY A 103 24.85 21.44 -19.59
C GLY A 103 24.78 22.39 -18.41
N ALA A 104 23.72 23.20 -18.35
CA ALA A 104 23.47 24.20 -17.29
C ALA A 104 21.96 24.28 -17.02
N GLU A 105 21.57 24.21 -15.74
CA GLU A 105 20.15 24.38 -15.29
C GLU A 105 20.15 25.06 -13.91
N ASP A 106 19.04 25.74 -13.60
CA ASP A 106 18.83 26.53 -12.36
C ASP A 106 17.66 25.93 -11.57
N ALA A 107 17.76 25.94 -10.24
CA ALA A 107 16.76 25.36 -9.30
C ALA A 107 16.25 26.46 -8.35
N GLN A 108 15.07 27.02 -8.64
CA GLN A 108 14.40 28.07 -7.83
C GLN A 108 13.56 27.39 -6.74
N SER A 109 14.02 27.47 -5.48
CA SER A 109 13.26 27.00 -4.28
C SER A 109 12.06 27.92 -4.03
N PHE A 110 10.96 27.36 -3.53
CA PHE A 110 9.67 28.07 -3.29
C PHE A 110 9.14 27.77 -1.89
N GLU A 111 8.26 28.65 -1.41
CA GLU A 111 7.64 28.59 -0.06
C GLU A 111 6.16 28.98 -0.22
N LEU A 112 5.27 28.34 0.55
CA LEU A 112 3.80 28.59 0.52
C LEU A 112 3.48 29.71 1.51
N GLY A 113 3.16 30.91 1.01
CA GLY A 113 2.76 32.09 1.82
C GLY A 113 1.26 32.34 1.70
N ALA A 114 0.78 33.41 2.36
CA ALA A 114 -0.64 33.84 2.37
C ALA A 114 -1.10 34.13 0.94
N GLU A 115 -0.36 34.97 0.22
CA GLU A 115 -0.67 35.42 -1.16
C GLU A 115 -0.58 34.24 -2.14
N GLY A 116 0.27 33.25 -1.84
CA GLY A 116 0.40 32.01 -2.63
C GLY A 116 1.83 31.48 -2.61
N LEU A 117 2.48 31.45 -3.78
CA LEU A 117 3.90 31.00 -3.94
C LEU A 117 4.81 32.23 -3.93
N ARG A 118 5.83 32.23 -3.07
CA ARG A 118 6.90 33.25 -3.05
C ARG A 118 8.25 32.54 -3.21
N PRO A 119 9.10 32.96 -4.17
CA PRO A 119 10.42 32.36 -4.32
C PRO A 119 11.29 32.63 -3.08
N ILE A 120 11.65 31.56 -2.35
CA ILE A 120 12.57 31.60 -1.16
C ILE A 120 14.01 31.56 -1.64
N GLY A 121 14.57 32.71 -2.06
CA GLY A 121 16.00 32.90 -2.36
C GLY A 121 16.26 33.17 -3.83
N ASP A 122 17.55 33.19 -4.21
CA ASP A 122 18.03 33.37 -5.60
C ASP A 122 18.04 32.00 -6.31
N PRO A 123 17.85 31.96 -7.65
CA PRO A 123 17.98 30.71 -8.39
C PRO A 123 19.38 30.10 -8.20
N VAL A 124 19.44 28.87 -7.66
CA VAL A 124 20.71 28.11 -7.47
C VAL A 124 21.20 27.68 -8.85
N ARG A 125 22.42 28.08 -9.22
CA ARG A 125 23.01 27.87 -10.57
C ARG A 125 23.92 26.63 -10.52
N LEU A 126 23.49 25.55 -11.18
CA LEU A 126 24.15 24.22 -11.16
C LEU A 126 25.08 24.08 -12.37
N SER A 127 26.30 23.62 -12.13
CA SER A 127 27.30 23.23 -13.15
C SER A 127 27.71 21.78 -12.90
N PRO A 128 28.16 21.05 -13.94
CA PRO A 128 28.53 19.63 -13.79
C PRO A 128 29.35 19.36 -12.52
N GLY A 129 28.86 18.45 -11.67
CA GLY A 129 29.54 18.02 -10.42
C GLY A 129 28.82 18.48 -9.17
N GLN A 130 28.11 19.63 -9.26
CA GLN A 130 27.35 20.26 -8.15
C GLN A 130 26.21 19.32 -7.72
N VAL A 131 26.01 19.15 -6.42
CA VAL A 131 24.93 18.31 -5.83
C VAL A 131 24.15 19.14 -4.80
N GLU A 132 22.83 19.22 -4.97
CA GLU A 132 21.88 19.86 -4.02
C GLU A 132 20.94 18.79 -3.48
N ALA A 133 20.17 19.13 -2.43
CA ALA A 133 19.22 18.23 -1.74
C ALA A 133 17.85 18.91 -1.64
N VAL A 134 16.80 18.10 -1.50
CA VAL A 134 15.40 18.54 -1.20
C VAL A 134 14.78 17.50 -0.26
N SER A 135 13.86 17.94 0.60
CA SER A 135 13.08 17.07 1.52
C SER A 135 11.97 17.90 2.17
N PRO A 136 10.98 17.27 2.85
CA PRO A 136 9.99 18.02 3.62
C PRO A 136 10.65 18.86 4.72
N ARG A 137 11.70 18.30 5.35
CA ARG A 137 12.43 18.89 6.51
C ARG A 137 13.14 20.18 6.11
N ILE A 138 13.86 20.19 4.98
CA ILE A 138 14.89 21.23 4.65
C ILE A 138 14.39 22.18 3.54
N GLY A 139 13.30 21.86 2.84
CA GLY A 139 12.76 22.67 1.72
C GLY A 139 12.41 21.79 0.54
N ASP A 140 11.12 21.52 0.32
CA ASP A 140 10.62 20.41 -0.53
C ASP A 140 10.13 20.93 -1.89
N ILE A 141 9.76 22.22 -1.99
CA ILE A 141 9.17 22.81 -3.22
C ILE A 141 10.26 23.54 -4.01
N HIS A 142 10.35 23.29 -5.32
CA HIS A 142 11.29 23.95 -6.26
C HIS A 142 10.80 23.84 -7.70
N ARG A 143 11.55 24.44 -8.63
CA ARG A 143 11.37 24.38 -10.10
C ARG A 143 12.75 24.29 -10.76
N VAL A 144 13.04 23.17 -11.43
CA VAL A 144 14.32 22.94 -12.18
C VAL A 144 14.06 23.23 -13.66
N PHE A 145 14.95 24.00 -14.31
CA PHE A 145 14.78 24.43 -15.73
C PHE A 145 16.14 24.64 -16.40
N ASN A 146 16.21 24.32 -17.69
CA ASN A 146 17.43 24.44 -18.55
C ASN A 146 17.79 25.92 -18.68
N ALA A 147 19.04 26.28 -18.36
CA ALA A 147 19.58 27.66 -18.40
C ALA A 147 20.00 28.00 -19.82
N SER A 148 20.58 27.06 -20.56
CA SER A 148 21.03 27.24 -21.96
C SER A 148 19.81 27.33 -22.88
N PRO A 149 19.85 28.15 -23.95
CA PRO A 149 18.76 28.25 -24.92
C PRO A 149 18.94 27.45 -26.22
N ASP A 150 20.02 26.66 -26.32
CA ASP A 150 20.37 25.87 -27.54
C ASP A 150 20.83 24.45 -27.16
N GLN A 151 21.63 24.30 -26.09
CA GLN A 151 22.11 22.99 -25.57
C GLN A 151 21.02 22.29 -24.77
N PRO A 152 21.02 20.94 -24.67
CA PRO A 152 20.23 20.23 -23.67
C PRO A 152 20.99 20.19 -22.32
N SER A 153 20.27 19.92 -21.23
CA SER A 153 20.84 19.80 -19.86
C SER A 153 20.34 18.51 -19.21
N ILE A 154 21.24 17.82 -18.50
CA ILE A 154 20.96 16.52 -17.81
C ILE A 154 21.45 16.61 -16.37
N SER A 155 20.66 16.07 -15.44
CA SER A 155 21.04 15.85 -14.02
C SER A 155 20.50 14.49 -13.56
N ILE A 156 21.26 13.81 -12.71
CA ILE A 156 20.90 12.49 -12.11
C ILE A 156 20.29 12.76 -10.73
N HIS A 157 19.01 12.47 -10.59
CA HIS A 157 18.22 12.67 -9.35
C HIS A 157 18.14 11.34 -8.59
N VAL A 158 18.33 11.38 -7.27
CA VAL A 158 18.18 10.18 -6.36
C VAL A 158 17.17 10.55 -5.28
N TYR A 159 16.15 9.71 -5.07
CA TYR A 159 15.01 9.95 -4.14
C TYR A 159 14.90 8.78 -3.15
N GLY A 160 14.24 9.03 -2.00
CA GLY A 160 13.98 8.04 -0.95
C GLY A 160 12.68 7.31 -1.19
N ALA A 161 12.49 6.78 -2.41
CA ALA A 161 11.28 6.06 -2.87
C ALA A 161 11.43 5.72 -4.35
N ASN A 162 10.40 5.06 -4.92
CA ASN A 162 10.21 4.91 -6.38
C ASN A 162 9.47 6.17 -6.87
N ILE A 163 10.22 7.24 -7.17
CA ILE A 163 9.71 8.64 -7.33
C ILE A 163 8.57 8.70 -8.35
N GLY A 164 8.61 7.85 -9.39
CA GLY A 164 7.63 7.85 -10.50
C GLY A 164 6.24 7.43 -10.07
N ALA A 165 6.10 6.77 -8.91
CA ALA A 165 4.83 6.20 -8.39
C ALA A 165 4.34 6.97 -7.16
N VAL A 166 5.15 7.89 -6.62
CA VAL A 166 4.80 8.69 -5.41
C VAL A 166 3.64 9.62 -5.77
N ARG A 167 2.61 9.67 -4.93
CA ARG A 167 1.50 10.66 -5.00
C ARG A 167 1.99 11.94 -4.32
N ARG A 168 2.37 12.94 -5.13
CA ARG A 168 2.84 14.27 -4.68
C ARG A 168 2.01 15.33 -5.41
N ALA A 169 2.51 16.57 -5.53
CA ALA A 169 1.73 17.72 -6.03
C ALA A 169 2.59 18.63 -6.90
N VAL A 170 1.96 19.31 -7.85
CA VAL A 170 2.46 20.56 -8.49
C VAL A 170 1.72 21.72 -7.81
N TYR A 171 2.24 22.95 -7.96
CA TYR A 171 1.70 24.18 -7.34
C TYR A 171 1.53 25.24 -8.42
N LEU A 172 0.37 25.92 -8.43
CA LEU A 172 0.03 27.01 -9.36
C LEU A 172 0.42 28.34 -8.71
N PRO A 173 0.42 29.47 -9.46
CA PRO A 173 0.85 30.76 -8.89
C PRO A 173 0.13 31.17 -7.59
N ASP A 174 -1.18 30.93 -7.49
CA ASP A 174 -2.03 31.29 -6.33
C ASP A 174 -1.73 30.37 -5.13
N GLY A 175 -1.05 29.24 -5.35
CA GLY A 175 -0.53 28.35 -4.30
C GLY A 175 -1.41 27.13 -4.06
N SER A 176 -2.29 26.79 -5.02
CA SER A 176 -3.24 25.65 -4.93
C SER A 176 -2.55 24.37 -5.43
N GLU A 177 -2.66 23.28 -4.65
CA GLU A 177 -2.11 21.95 -4.99
C GLU A 177 -2.98 21.28 -6.07
N LYS A 178 -2.35 20.62 -7.04
CA LYS A 178 -2.97 19.58 -7.90
C LYS A 178 -2.21 18.29 -7.69
N PRO A 179 -2.88 17.12 -7.55
CA PRO A 179 -2.18 15.84 -7.45
C PRO A 179 -1.23 15.62 -8.63
N PHE A 180 -0.10 14.96 -8.38
CA PHE A 180 1.02 14.76 -9.35
C PHE A 180 1.63 13.38 -9.16
N ILE A 181 1.58 12.55 -10.21
CA ILE A 181 2.37 11.29 -10.34
C ILE A 181 3.15 11.39 -11.66
N SER A 182 4.47 11.53 -11.56
CA SER A 182 5.39 11.90 -12.67
C SER A 182 5.53 10.75 -13.68
N GLY A 183 5.63 9.51 -13.18
CA GLY A 183 5.89 8.33 -14.01
C GLY A 183 7.30 8.37 -14.57
N TYR A 184 7.52 7.67 -15.69
CA TYR A 184 8.83 7.55 -16.37
C TYR A 184 8.61 7.59 -17.89
N SER A 185 9.65 8.00 -18.63
CA SER A 185 9.63 8.19 -20.10
C SER A 185 10.06 6.91 -20.82
N ASN A 186 10.74 6.00 -20.10
CA ASN A 186 11.36 4.79 -20.69
C ASN A 186 10.55 3.54 -20.30
N GLN A 187 10.46 2.56 -21.20
CA GLN A 187 9.87 1.23 -20.94
C GLN A 187 10.96 0.24 -20.53
N PHE A 188 12.23 0.54 -20.82
CA PHE A 188 13.40 -0.31 -20.51
C PHE A 188 14.45 0.45 -19.69
N LEU A 189 15.07 -0.25 -18.74
CA LEU A 189 16.19 0.25 -17.92
C LEU A 189 17.50 -0.22 -18.54
N PRO A 190 18.65 0.40 -18.19
CA PRO A 190 19.95 -0.12 -18.60
C PRO A 190 20.36 -1.34 -17.77
N ASN A 191 21.00 -2.33 -18.40
CA ASN A 191 21.60 -3.51 -17.70
C ASN A 191 23.01 -3.13 -17.24
N ILE A 192 23.15 -2.77 -15.97
CA ILE A 192 24.42 -2.30 -15.35
C ILE A 192 25.09 -3.47 -14.63
N TRP A 193 24.58 -4.70 -14.81
CA TRP A 193 24.91 -5.87 -13.95
C TRP A 193 25.69 -6.95 -14.71
N ASP A 194 26.06 -6.71 -15.97
CA ASP A 194 26.85 -7.67 -16.79
C ASP A 194 28.33 -7.25 -16.72
N GLN A 195 29.07 -7.77 -15.75
CA GLN A 195 30.46 -7.34 -15.42
C GLN A 195 31.47 -8.02 -16.35
N SER A 196 31.05 -9.11 -17.03
CA SER A 196 31.91 -9.98 -17.86
C SER A 196 32.24 -9.32 -19.21
N LYS A 197 31.66 -8.15 -19.50
CA LYS A 197 31.95 -7.35 -20.73
C LYS A 197 32.85 -6.16 -20.37
N GLU A 198 34.04 -6.41 -19.83
CA GLU A 198 35.03 -5.38 -19.39
C GLU A 198 36.45 -5.91 -19.57
N SER B 4 -6.18 21.15 -1.35
CA SER B 4 -5.22 20.08 -0.94
C SER B 4 -5.97 18.86 -0.42
N PRO B 5 -5.59 17.62 -0.80
CA PRO B 5 -6.37 16.43 -0.47
C PRO B 5 -6.24 16.03 1.00
N LEU B 6 -7.36 15.72 1.66
CA LEU B 6 -7.42 15.33 3.09
C LEU B 6 -6.67 14.01 3.27
N ARG B 7 -5.79 13.93 4.28
CA ARG B 7 -4.93 12.76 4.58
C ARG B 7 -5.64 11.86 5.60
N LEU B 8 -6.78 11.29 5.21
CA LEU B 8 -7.65 10.44 6.06
C LEU B 8 -6.88 9.17 6.47
N ASP B 9 -5.90 8.75 5.67
CA ASP B 9 -5.00 7.59 5.96
C ASP B 9 -4.45 7.69 7.39
N ARG B 10 -4.19 8.91 7.88
CA ARG B 10 -3.67 9.17 9.25
C ARG B 10 -4.62 8.56 10.28
N LEU B 11 -5.92 8.82 10.13
CA LEU B 11 -7.00 8.36 11.06
C LEU B 11 -7.22 6.86 10.86
N ARG B 12 -7.21 6.38 9.62
CA ARG B 12 -7.33 4.94 9.27
C ARG B 12 -6.20 4.16 9.95
N ASP B 13 -4.96 4.68 9.90
CA ASP B 13 -3.75 4.02 10.46
C ASP B 13 -3.82 4.02 11.98
N PHE B 14 -4.29 5.11 12.59
CA PHE B 14 -4.47 5.27 14.06
C PHE B 14 -5.45 4.20 14.57
N VAL B 15 -6.61 4.10 13.92
CA VAL B 15 -7.72 3.17 14.29
C VAL B 15 -7.20 1.73 14.23
N SER B 16 -6.47 1.38 13.17
CA SER B 16 -5.91 0.03 12.93
C SER B 16 -4.90 -0.31 14.03
N ALA B 17 -3.97 0.62 14.31
CA ALA B 17 -2.92 0.49 15.33
C ALA B 17 -3.54 0.32 16.72
N LEU B 18 -4.59 1.09 17.02
CA LEU B 18 -5.30 1.07 18.33
C LEU B 18 -6.14 -0.21 18.45
N GLY B 19 -6.59 -0.76 17.32
CA GLY B 19 -7.26 -2.07 17.26
C GLY B 19 -6.28 -3.19 17.60
N GLU B 20 -5.10 -3.18 16.95
CA GLU B 20 -3.98 -4.12 17.21
C GLU B 20 -3.64 -4.11 18.70
N LEU B 21 -3.46 -2.90 19.25
CA LEU B 21 -3.09 -2.67 20.67
C LEU B 21 -4.06 -3.40 21.61
N LEU B 22 -5.36 -3.18 21.44
CA LEU B 22 -6.40 -3.66 22.40
C LEU B 22 -6.68 -5.17 22.20
N ASP B 23 -6.22 -5.78 21.11
CA ASP B 23 -6.37 -7.24 20.85
C ASP B 23 -5.23 -8.02 21.53
N ARG B 24 -4.21 -7.33 22.06
CA ARG B 24 -3.19 -7.94 22.97
C ARG B 24 -3.71 -7.95 24.42
N HIS B 25 -4.98 -7.60 24.62
CA HIS B 25 -5.70 -7.52 25.93
C HIS B 25 -4.81 -6.92 27.00
N PRO B 26 -4.23 -5.72 26.80
CA PRO B 26 -3.26 -5.16 27.74
C PRO B 26 -3.96 -4.49 28.92
N ASP B 27 -3.18 -4.16 29.96
CA ASP B 27 -3.64 -3.45 31.18
C ASP B 27 -3.78 -1.95 30.85
N GLU B 28 -4.53 -1.22 31.69
CA GLU B 28 -4.85 0.21 31.48
C GLU B 28 -3.55 1.04 31.43
N GLU B 29 -2.54 0.68 32.23
CA GLU B 29 -1.23 1.39 32.33
C GLU B 29 -0.54 1.41 30.96
N SER B 30 -0.54 0.26 30.26
CA SER B 30 0.14 0.06 28.95
C SER B 30 -0.66 0.70 27.82
N VAL B 31 -2.00 0.65 27.89
CA VAL B 31 -2.92 1.20 26.86
C VAL B 31 -2.69 2.71 26.74
N LEU B 32 -2.66 3.42 27.88
CA LEU B 32 -2.47 4.90 27.95
C LEU B 32 -1.07 5.28 27.45
N ARG B 33 -0.05 4.52 27.86
CA ARG B 33 1.38 4.80 27.54
C ARG B 33 1.60 4.70 26.03
N GLU B 34 1.16 3.60 25.40
CA GLU B 34 1.34 3.35 23.95
C GLU B 34 0.27 4.11 23.15
N GLY B 35 -0.93 4.25 23.71
CA GLY B 35 -2.06 4.99 23.09
C GLY B 35 -1.73 6.46 22.84
N ARG B 36 -1.14 7.13 23.83
CA ARG B 36 -0.84 8.59 23.77
C ARG B 36 0.27 8.85 22.74
N SER B 37 1.11 7.83 22.47
CA SER B 37 2.14 7.84 21.42
C SER B 37 1.48 7.88 20.03
N LEU B 38 0.48 7.01 19.83
CA LEU B 38 -0.30 6.88 18.56
C LEU B 38 -1.14 8.14 18.33
N LEU B 39 -1.78 8.66 19.39
CA LEU B 39 -2.64 9.87 19.31
C LEU B 39 -1.76 11.10 19.06
N GLY B 40 -0.56 11.13 19.66
CA GLY B 40 0.46 12.15 19.38
C GLY B 40 0.75 12.25 17.90
N GLU B 41 0.93 11.09 17.25
CA GLU B 41 1.27 10.96 15.81
C GLU B 41 0.13 11.52 14.94
N LEU B 42 -1.13 11.40 15.40
CA LEU B 42 -2.33 11.82 14.63
C LEU B 42 -2.50 13.35 14.69
N VAL B 43 -2.49 13.93 15.88
CA VAL B 43 -2.94 15.34 16.14
C VAL B 43 -1.79 16.34 15.89
N ARG B 44 -0.56 15.85 15.69
CA ARG B 44 0.60 16.71 15.32
C ARG B 44 0.35 17.33 13.94
N HIS B 45 -0.27 16.57 13.03
CA HIS B 45 -0.66 17.02 11.66
C HIS B 45 -2.14 17.40 11.66
N ASP B 46 -2.48 18.62 11.22
CA ASP B 46 -3.88 19.13 11.11
C ASP B 46 -4.22 19.29 9.61
N ASP B 47 -4.31 18.16 8.89
CA ASP B 47 -4.52 18.14 7.42
C ASP B 47 -5.41 16.96 7.03
N TRP B 48 -6.25 16.46 7.95
CA TRP B 48 -7.01 15.19 7.79
C TRP B 48 -8.47 15.34 8.25
N LEU B 49 -8.74 16.10 9.31
CA LEU B 49 -10.12 16.26 9.86
C LEU B 49 -11.02 16.96 8.82
N PRO B 50 -12.07 16.29 8.30
CA PRO B 50 -13.02 16.95 7.40
C PRO B 50 -13.71 18.16 8.07
N GLU B 51 -13.88 19.24 7.32
CA GLU B 51 -14.42 20.54 7.80
C GLU B 51 -15.80 20.33 8.42
N GLU B 52 -16.57 19.36 7.93
CA GLU B 52 -17.94 19.02 8.41
C GLU B 52 -17.89 18.70 9.91
N PHE B 53 -16.81 18.10 10.39
CA PHE B 53 -16.63 17.64 11.80
C PHE B 53 -15.62 18.54 12.53
N ALA B 54 -15.54 19.81 12.14
CA ALA B 54 -14.75 20.88 12.80
C ALA B 54 -15.61 22.13 13.03
N GLN B 55 -16.93 22.01 12.87
CA GLN B 55 -17.88 23.16 12.85
C GLN B 55 -18.31 23.49 14.27
N PRO B 56 -18.08 24.74 14.74
CA PRO B 56 -18.63 25.17 16.03
C PRO B 56 -20.13 25.49 15.93
N ASP B 57 -20.87 25.20 17.00
CA ASP B 57 -22.26 25.66 17.21
C ASP B 57 -22.20 26.79 18.24
N PRO B 58 -22.98 27.88 18.08
CA PRO B 58 -22.93 29.01 19.01
C PRO B 58 -23.63 28.81 20.37
N GLU B 59 -24.34 27.68 20.58
CA GLU B 59 -25.12 27.41 21.82
C GLU B 59 -24.39 26.41 22.72
N ARG B 60 -24.07 25.22 22.20
CA ARG B 60 -23.37 24.13 22.92
C ARG B 60 -22.12 23.69 22.13
N TYR B 61 -21.09 23.22 22.84
CA TYR B 61 -19.91 22.55 22.26
C TYR B 61 -20.39 21.28 21.54
N GLN B 62 -19.78 20.99 20.38
CA GLN B 62 -20.19 19.87 19.48
C GLN B 62 -19.29 18.66 19.71
N GLN B 63 -19.87 17.46 19.68
CA GLN B 63 -19.17 16.16 19.82
C GLN B 63 -19.44 15.32 18.56
N TYR B 64 -18.50 15.32 17.62
CA TYR B 64 -18.60 14.59 16.32
C TYR B 64 -17.90 13.24 16.43
N LEU B 65 -18.64 12.14 16.35
CA LEU B 65 -18.07 10.76 16.31
C LEU B 65 -17.39 10.56 14.95
N LEU B 66 -16.12 10.14 14.94
CA LEU B 66 -15.32 9.89 13.72
C LEU B 66 -15.25 8.39 13.42
N HIS B 67 -15.15 7.55 14.47
CA HIS B 67 -15.06 6.08 14.34
C HIS B 67 -15.45 5.41 15.67
N ALA B 68 -16.14 4.26 15.59
CA ALA B 68 -16.45 3.37 16.73
C ALA B 68 -16.07 1.93 16.35
N ASP B 69 -15.42 1.20 17.26
CA ASP B 69 -15.03 -0.22 17.07
C ASP B 69 -16.30 -1.06 16.98
N SER B 70 -16.26 -2.14 16.19
CA SER B 70 -17.38 -3.11 15.99
C SER B 70 -17.96 -3.56 17.33
N ARG B 71 -17.08 -3.85 18.30
CA ARG B 71 -17.44 -4.43 19.62
C ARG B 71 -17.57 -3.33 20.67
N GLN B 72 -17.52 -2.05 20.26
CA GLN B 72 -17.52 -0.87 21.16
C GLN B 72 -16.36 -0.95 22.16
N ARG B 73 -15.21 -1.51 21.73
CA ARG B 73 -13.94 -1.55 22.50
C ARG B 73 -13.45 -0.11 22.74
N PHE B 74 -13.57 0.76 21.72
CA PHE B 74 -13.13 2.17 21.76
C PHE B 74 -13.91 3.01 20.73
N SER B 75 -13.81 4.33 20.87
CA SER B 75 -14.41 5.35 19.95
C SER B 75 -13.47 6.56 19.85
N VAL B 76 -13.48 7.23 18.70
CA VAL B 76 -12.65 8.44 18.40
C VAL B 76 -13.59 9.59 18.06
N VAL B 77 -13.53 10.69 18.83
CA VAL B 77 -14.51 11.80 18.77
C VAL B 77 -13.77 13.13 18.60
N SER B 78 -14.24 13.96 17.65
CA SER B 78 -13.83 15.37 17.47
C SER B 78 -14.72 16.27 18.34
N PHE B 79 -14.16 16.86 19.40
CA PHE B 79 -14.83 17.87 20.26
C PHE B 79 -14.46 19.26 19.73
N VAL B 80 -15.46 20.12 19.50
CA VAL B 80 -15.29 21.47 18.88
C VAL B 80 -15.95 22.52 19.79
N TRP B 81 -15.14 23.38 20.40
CA TRP B 81 -15.59 24.51 21.26
C TRP B 81 -15.57 25.81 20.46
N GLY B 82 -16.69 26.53 20.46
CA GLY B 82 -16.79 27.92 19.98
C GLY B 82 -16.14 28.88 20.98
N PRO B 83 -15.99 30.18 20.64
CA PRO B 83 -15.37 31.14 21.54
C PRO B 83 -16.00 31.15 22.94
N GLY B 84 -15.18 30.97 23.98
CA GLY B 84 -15.57 31.02 25.40
C GLY B 84 -16.67 30.03 25.75
N GLN B 85 -16.67 28.85 25.12
CA GLN B 85 -17.55 27.70 25.48
C GLN B 85 -16.78 26.79 26.44
N THR B 86 -17.45 25.79 27.00
CA THR B 86 -16.89 24.86 28.01
C THR B 86 -17.77 23.61 28.15
N THR B 87 -17.15 22.47 28.48
CA THR B 87 -17.86 21.28 29.01
C THR B 87 -18.25 21.57 30.45
N PRO B 88 -19.23 20.85 31.02
CA PRO B 88 -19.43 20.88 32.46
C PRO B 88 -18.31 20.04 33.10
N VAL B 89 -18.13 20.13 34.42
CA VAL B 89 -17.28 19.17 35.16
C VAL B 89 -17.94 17.80 35.00
N HIS B 90 -17.18 16.79 34.56
CA HIS B 90 -17.72 15.45 34.19
C HIS B 90 -16.64 14.38 34.42
N ASP B 91 -17.07 13.13 34.63
CA ASP B 91 -16.20 11.93 34.65
C ASP B 91 -16.48 11.13 33.37
N HIS B 92 -15.79 10.01 33.19
CA HIS B 92 -15.79 9.18 31.94
C HIS B 92 -16.13 7.72 32.27
N ARG B 93 -15.60 7.19 33.38
CA ARG B 93 -15.83 5.81 33.89
C ARG B 93 -15.22 4.80 32.90
N VAL B 94 -14.28 5.29 32.08
CA VAL B 94 -13.43 4.48 31.14
C VAL B 94 -12.15 5.29 30.90
N TRP B 95 -11.07 4.64 30.46
CA TRP B 95 -9.81 5.32 30.10
C TRP B 95 -10.08 6.27 28.92
N GLY B 96 -9.48 7.46 28.95
CA GLY B 96 -9.61 8.49 27.91
C GLY B 96 -8.27 9.10 27.55
N LEU B 97 -8.12 9.54 26.30
CA LEU B 97 -6.94 10.28 25.78
C LEU B 97 -7.44 11.52 25.02
N ILE B 98 -7.10 12.71 25.48
CA ILE B 98 -7.45 14.00 24.78
C ILE B 98 -6.21 14.48 24.01
N GLY B 99 -6.27 14.42 22.67
CA GLY B 99 -5.23 14.96 21.77
C GLY B 99 -5.63 16.33 21.24
N MET B 100 -4.86 17.37 21.56
CA MET B 100 -5.10 18.76 21.10
C MET B 100 -4.73 18.87 19.61
N LEU B 101 -5.60 19.48 18.79
CA LEU B 101 -5.47 19.54 17.31
C LEU B 101 -5.30 20.98 16.83
N ARG B 102 -6.21 21.88 17.22
CA ARG B 102 -6.32 23.25 16.65
C ARG B 102 -6.83 24.21 17.73
N GLY B 103 -6.27 25.43 17.76
CA GLY B 103 -6.66 26.49 18.71
C GLY B 103 -5.94 26.31 20.03
N ALA B 104 -6.60 26.74 21.12
CA ALA B 104 -6.09 26.68 22.51
C ALA B 104 -7.24 26.39 23.47
N GLU B 105 -7.07 25.41 24.35
CA GLU B 105 -8.05 25.06 25.42
C GLU B 105 -7.29 24.55 26.65
N ASP B 106 -7.90 24.71 27.83
CA ASP B 106 -7.33 24.35 29.16
C ASP B 106 -8.19 23.24 29.78
N ALA B 107 -7.56 22.30 30.49
CA ALA B 107 -8.20 21.12 31.13
C ALA B 107 -7.90 21.13 32.64
N GLN B 108 -8.86 21.60 33.45
CA GLN B 108 -8.77 21.64 34.93
C GLN B 108 -9.23 20.30 35.51
N SER B 109 -8.30 19.48 36.01
CA SER B 109 -8.60 18.20 36.75
C SER B 109 -9.21 18.53 38.11
N PHE B 110 -10.13 17.68 38.58
CA PHE B 110 -10.90 17.86 39.83
C PHE B 110 -10.88 16.56 40.65
N GLU B 111 -11.16 16.70 41.96
CA GLU B 111 -11.21 15.61 42.95
C GLU B 111 -12.42 15.85 43.87
N LEU B 112 -13.08 14.80 44.34
CA LEU B 112 -14.25 14.86 45.27
C LEU B 112 -13.75 14.90 46.71
N GLY B 113 -13.84 16.07 47.36
CA GLY B 113 -13.48 16.28 48.78
C GLY B 113 -14.72 16.40 49.66
N ALA B 114 -14.51 16.64 50.96
CA ALA B 114 -15.58 16.79 51.98
C ALA B 114 -16.48 17.98 51.60
N GLU B 115 -15.89 19.15 51.36
CA GLU B 115 -16.60 20.42 51.03
C GLU B 115 -17.30 20.29 49.67
N GLY B 116 -16.78 19.47 48.77
CA GLY B 116 -17.37 19.19 47.44
C GLY B 116 -16.29 18.94 46.39
N LEU B 117 -16.19 19.84 45.41
CA LEU B 117 -15.18 19.76 44.31
C LEU B 117 -13.99 20.65 44.67
N ARG B 118 -12.78 20.09 44.66
CA ARG B 118 -11.51 20.86 44.81
C ARG B 118 -10.65 20.63 43.58
N PRO B 119 -10.18 21.71 42.90
CA PRO B 119 -9.28 21.55 41.76
C PRO B 119 -7.96 20.90 42.17
N ILE B 120 -7.70 19.69 41.66
CA ILE B 120 -6.42 18.93 41.88
C ILE B 120 -5.40 19.40 40.84
N GLY B 121 -4.72 20.52 41.10
CA GLY B 121 -3.60 21.04 40.31
C GLY B 121 -3.92 22.36 39.60
N ASP B 122 -2.98 22.84 38.78
CA ASP B 122 -3.10 24.05 37.92
C ASP B 122 -3.79 23.67 36.61
N PRO B 123 -4.55 24.59 35.96
CA PRO B 123 -5.14 24.30 34.65
C PRO B 123 -4.07 23.91 33.64
N VAL B 124 -4.17 22.69 33.08
CA VAL B 124 -3.22 22.17 32.04
C VAL B 124 -3.50 22.92 30.73
N ARG B 125 -2.48 23.59 30.19
CA ARG B 125 -2.61 24.47 29.00
C ARG B 125 -2.15 23.67 27.77
N LEU B 126 -3.11 23.33 26.90
CA LEU B 126 -2.92 22.43 25.74
C LEU B 126 -2.67 23.28 24.48
N SER B 127 -1.65 22.90 23.71
CA SER B 127 -1.34 23.43 22.36
C SER B 127 -1.30 22.27 21.39
N PRO B 128 -1.56 22.51 20.08
CA PRO B 128 -1.58 21.45 19.08
C PRO B 128 -0.44 20.44 19.25
N GLY B 129 -0.77 19.15 19.41
CA GLY B 129 0.18 18.03 19.52
C GLY B 129 0.20 17.41 20.91
N GLN B 130 -0.12 18.22 21.94
CA GLN B 130 -0.14 17.82 23.37
C GLN B 130 -1.22 16.74 23.58
N VAL B 131 -0.91 15.70 24.36
CA VAL B 131 -1.85 14.57 24.67
C VAL B 131 -1.88 14.35 26.19
N GLU B 132 -3.07 14.39 26.79
CA GLU B 132 -3.32 14.07 28.22
C GLU B 132 -4.22 12.82 28.29
N ALA B 133 -4.35 12.24 29.49
CA ALA B 133 -5.14 11.03 29.76
C ALA B 133 -6.09 11.28 30.94
N VAL B 134 -7.18 10.49 31.01
CA VAL B 134 -8.14 10.44 32.15
C VAL B 134 -8.59 8.99 32.30
N SER B 135 -8.91 8.58 33.53
CA SER B 135 -9.48 7.24 33.86
C SER B 135 -9.93 7.25 35.32
N PRO B 136 -10.70 6.24 35.78
CA PRO B 136 -11.05 6.12 37.20
C PRO B 136 -9.79 5.98 38.07
N ARG B 137 -8.79 5.25 37.57
CA ARG B 137 -7.53 4.89 38.27
C ARG B 137 -6.69 6.16 38.55
N ILE B 138 -6.51 7.03 37.54
CA ILE B 138 -5.45 8.09 37.53
C ILE B 138 -6.04 9.49 37.76
N GLY B 139 -7.36 9.66 37.69
CA GLY B 139 -8.05 10.97 37.83
C GLY B 139 -9.06 11.17 36.71
N ASP B 140 -10.35 11.02 37.02
CA ASP B 140 -11.44 10.79 36.02
C ASP B 140 -12.24 12.07 35.79
N ILE B 141 -12.22 13.01 36.73
CA ILE B 141 -13.05 14.25 36.70
C ILE B 141 -12.18 15.39 36.17
N HIS B 142 -12.72 16.17 35.21
CA HIS B 142 -12.08 17.38 34.64
C HIS B 142 -13.13 18.32 34.01
N ARG B 143 -12.67 19.47 33.53
CA ARG B 143 -13.46 20.47 32.75
C ARG B 143 -12.57 21.01 31.64
N VAL B 144 -12.93 20.75 30.38
CA VAL B 144 -12.21 21.24 29.17
C VAL B 144 -12.95 22.47 28.63
N PHE B 145 -12.24 23.55 28.31
CA PHE B 145 -12.85 24.84 27.87
C PHE B 145 -11.89 25.60 26.95
N ASN B 146 -12.47 26.30 25.96
CA ASN B 146 -11.74 27.12 24.95
C ASN B 146 -11.05 28.29 25.66
N ALA B 147 -9.74 28.44 25.45
CA ALA B 147 -8.89 29.50 26.06
C ALA B 147 -9.03 30.79 25.25
N SER B 148 -9.11 30.70 23.93
CA SER B 148 -9.26 31.86 23.00
C SER B 148 -10.67 32.44 23.15
N PRO B 149 -10.83 33.78 23.04
CA PRO B 149 -12.15 34.42 23.10
C PRO B 149 -12.76 34.79 21.74
N ASP B 150 -12.11 34.41 20.63
CA ASP B 150 -12.54 34.76 19.24
C ASP B 150 -12.40 33.54 18.30
N GLN B 151 -11.32 32.77 18.43
CA GLN B 151 -11.06 31.53 17.63
C GLN B 151 -11.86 30.36 18.20
N PRO B 152 -12.21 29.34 17.37
CA PRO B 152 -12.67 28.05 17.88
C PRO B 152 -11.48 27.16 18.25
N SER B 153 -11.71 26.13 19.06
CA SER B 153 -10.69 25.14 19.49
C SER B 153 -11.23 23.72 19.28
N ILE B 154 -10.36 22.82 18.79
CA ILE B 154 -10.70 21.40 18.47
C ILE B 154 -9.66 20.49 19.13
N SER B 155 -10.11 19.38 19.70
CA SER B 155 -9.28 18.26 20.20
C SER B 155 -9.93 16.93 19.86
N ILE B 156 -9.12 15.92 19.53
CA ILE B 156 -9.57 14.54 19.19
C ILE B 156 -9.46 13.69 20.44
N HIS B 157 -10.60 13.26 20.98
CA HIS B 157 -10.72 12.43 22.21
C HIS B 157 -10.86 10.96 21.82
N VAL B 158 -10.16 10.06 22.52
CA VAL B 158 -10.25 8.58 22.34
C VAL B 158 -10.58 7.97 23.70
N TYR B 159 -11.62 7.12 23.76
CA TYR B 159 -12.16 6.52 25.00
C TYR B 159 -12.21 4.99 24.87
N GLY B 160 -12.22 4.29 26.01
CA GLY B 160 -12.30 2.82 26.09
C GLY B 160 -13.75 2.33 26.11
N ALA B 161 -14.56 2.81 25.16
CA ALA B 161 -16.00 2.49 25.01
C ALA B 161 -16.58 3.33 23.86
N ASN B 162 -17.88 3.17 23.59
CA ASN B 162 -18.69 4.09 22.76
C ASN B 162 -19.16 5.24 23.67
N ILE B 163 -18.32 6.27 23.83
CA ILE B 163 -18.42 7.31 24.89
C ILE B 163 -19.82 7.96 24.90
N GLY B 164 -20.45 8.11 23.74
CA GLY B 164 -21.75 8.78 23.57
C GLY B 164 -22.90 8.05 24.25
N ALA B 165 -22.74 6.75 24.55
CA ALA B 165 -23.79 5.87 25.11
C ALA B 165 -23.48 5.48 26.56
N VAL B 166 -22.28 5.82 27.07
CA VAL B 166 -21.86 5.50 28.46
C VAL B 166 -22.74 6.31 29.43
N ARG B 167 -23.27 5.63 30.46
CA ARG B 167 -23.99 6.29 31.59
C ARG B 167 -22.92 6.77 32.59
N ARG B 168 -22.64 8.07 32.58
CA ARG B 168 -21.64 8.73 33.47
C ARG B 168 -22.34 9.91 34.16
N ALA B 169 -21.59 10.89 34.65
CA ALA B 169 -22.12 11.98 35.51
C ALA B 169 -21.45 13.31 35.18
N VAL B 170 -22.19 14.41 35.39
CA VAL B 170 -21.63 15.79 35.60
C VAL B 170 -21.63 16.04 37.11
N TYR B 171 -20.88 17.05 37.56
CA TYR B 171 -20.71 17.41 39.00
C TYR B 171 -20.97 18.91 39.16
N LEU B 172 -21.73 19.27 40.19
CA LEU B 172 -22.03 20.68 40.59
C LEU B 172 -20.99 21.12 41.60
N PRO B 173 -20.90 22.43 41.94
CA PRO B 173 -19.88 22.93 42.88
C PRO B 173 -19.84 22.19 44.24
N ASP B 174 -21.01 21.85 44.80
CA ASP B 174 -21.15 21.16 46.12
C ASP B 174 -20.70 19.70 46.02
N GLY B 175 -20.58 19.15 44.80
CA GLY B 175 -20.01 17.83 44.53
C GLY B 175 -21.07 16.76 44.30
N SER B 176 -22.31 17.15 44.00
CA SER B 176 -23.46 16.24 43.78
C SER B 176 -23.51 15.77 42.32
N GLU B 177 -23.63 14.46 42.10
CA GLU B 177 -23.71 13.83 40.76
C GLU B 177 -25.10 14.06 40.15
N LYS B 178 -25.17 14.35 38.86
CA LYS B 178 -26.37 14.17 38.00
C LYS B 178 -26.01 13.19 36.89
N PRO B 179 -26.87 12.20 36.55
CA PRO B 179 -26.61 11.30 35.43
C PRO B 179 -26.36 12.08 34.13
N PHE B 180 -25.47 11.55 33.27
CA PHE B 180 -24.98 12.21 32.03
C PHE B 180 -24.78 11.17 30.92
N ILE B 181 -25.49 11.31 29.80
CA ILE B 181 -25.23 10.60 28.52
C ILE B 181 -25.06 11.67 27.43
N SER B 182 -23.83 11.81 26.91
CA SER B 182 -23.39 12.94 26.06
C SER B 182 -24.02 12.85 24.66
N GLY B 183 -24.10 11.65 24.09
CA GLY B 183 -24.54 11.43 22.70
C GLY B 183 -23.55 12.00 21.71
N TYR B 184 -24.01 12.33 20.50
CA TYR B 184 -23.19 12.86 19.39
C TYR B 184 -23.97 13.95 18.64
N SER B 185 -23.25 14.85 17.97
CA SER B 185 -23.81 16.03 17.26
C SER B 185 -24.09 15.68 15.79
N ASN B 186 -23.48 14.60 15.27
CA ASN B 186 -23.52 14.24 13.83
C ASN B 186 -24.41 13.01 13.65
N GLN B 187 -25.12 12.94 12.51
CA GLN B 187 -25.92 11.75 12.09
C GLN B 187 -25.08 10.89 11.14
N PHE B 188 -24.00 11.44 10.56
CA PHE B 188 -23.11 10.74 9.60
C PHE B 188 -21.65 10.81 10.06
N LEU B 189 -20.91 9.73 9.86
CA LEU B 189 -19.44 9.63 10.15
C LEU B 189 -18.68 9.87 8.85
N PRO B 190 -17.37 10.19 8.89
CA PRO B 190 -16.56 10.25 7.68
C PRO B 190 -16.19 8.85 7.18
N ASN B 191 -16.14 8.66 5.86
CA ASN B 191 -15.62 7.43 5.21
C ASN B 191 -14.10 7.54 5.08
N ILE B 192 -13.38 6.90 5.99
CA ILE B 192 -11.89 6.94 6.08
C ILE B 192 -11.30 5.70 5.38
N TRP B 193 -12.13 4.92 4.69
CA TRP B 193 -11.80 3.54 4.23
C TRP B 193 -11.70 3.46 2.70
N ASP B 194 -11.79 4.60 2.00
CA ASP B 194 -11.63 4.69 0.52
C ASP B 194 -10.16 5.04 0.21
N GLN B 195 -9.31 4.03 0.00
CA GLN B 195 -7.83 4.18 -0.10
C GLN B 195 -7.42 4.66 -1.50
N SER B 196 -8.33 4.59 -2.49
CA SER B 196 -8.09 5.01 -3.89
C SER B 196 -7.69 6.49 -3.95
N SER C 4 -4.11 -7.71 -24.92
CA SER C 4 -4.26 -7.78 -23.43
C SER C 4 -3.05 -7.13 -22.77
N PRO C 5 -3.23 -6.30 -21.71
CA PRO C 5 -2.12 -5.58 -21.09
C PRO C 5 -1.24 -6.50 -20.23
N LEU C 6 0.08 -6.37 -20.35
CA LEU C 6 1.08 -7.15 -19.57
C LEU C 6 0.93 -6.84 -18.09
N ARG C 7 0.89 -7.87 -17.24
CA ARG C 7 0.68 -7.76 -15.78
C ARG C 7 2.04 -7.72 -15.08
N LEU C 8 2.83 -6.68 -15.34
CA LEU C 8 4.21 -6.51 -14.79
C LEU C 8 4.15 -6.40 -13.26
N ASP C 9 3.03 -5.93 -12.71
CA ASP C 9 2.78 -5.84 -11.24
C ASP C 9 3.13 -7.18 -10.56
N ARG C 10 2.91 -8.31 -11.24
CA ARG C 10 3.22 -9.68 -10.74
C ARG C 10 4.70 -9.78 -10.38
N LEU C 11 5.57 -9.31 -11.28
CA LEU C 11 7.05 -9.35 -11.12
C LEU C 11 7.49 -8.32 -10.08
N ARG C 12 6.89 -7.12 -10.11
CA ARG C 12 7.13 -6.04 -9.12
C ARG C 12 6.81 -6.57 -7.71
N ASP C 13 5.68 -7.27 -7.55
CA ASP C 13 5.18 -7.78 -6.25
C ASP C 13 6.08 -8.92 -5.77
N PHE C 14 6.55 -9.79 -6.67
CA PHE C 14 7.49 -10.91 -6.37
C PHE C 14 8.80 -10.35 -5.81
N VAL C 15 9.37 -9.37 -6.51
CA VAL C 15 10.67 -8.72 -6.16
C VAL C 15 10.55 -8.09 -4.77
N SER C 16 9.45 -7.38 -4.50
CA SER C 16 9.17 -6.69 -3.21
C SER C 16 9.05 -7.71 -2.08
N ALA C 17 8.29 -8.79 -2.31
CA ALA C 17 8.06 -9.90 -1.35
C ALA C 17 9.39 -10.61 -1.04
N LEU C 18 10.21 -10.82 -2.06
CA LEU C 18 11.53 -11.52 -1.94
C LEU C 18 12.53 -10.59 -1.25
N GLY C 19 12.38 -9.27 -1.41
CA GLY C 19 13.14 -8.25 -0.66
C GLY C 19 12.79 -8.29 0.82
N GLU C 20 11.49 -8.29 1.14
CA GLU C 20 10.94 -8.42 2.52
C GLU C 20 11.52 -9.68 3.17
N LEU C 21 11.47 -10.81 2.47
CA LEU C 21 11.95 -12.15 2.92
C LEU C 21 13.41 -12.04 3.38
N LEU C 22 14.30 -11.51 2.54
CA LEU C 22 15.77 -11.52 2.77
C LEU C 22 16.18 -10.45 3.81
N ASP C 23 15.28 -9.51 4.16
CA ASP C 23 15.53 -8.47 5.19
C ASP C 23 15.19 -9.03 6.59
N ARG C 24 14.58 -10.21 6.68
CA ARG C 24 14.40 -10.98 7.95
C ARG C 24 15.67 -11.82 8.23
N HIS C 25 16.72 -11.61 7.42
CA HIS C 25 18.06 -12.29 7.49
C HIS C 25 17.87 -13.80 7.76
N PRO C 26 17.05 -14.52 6.95
CA PRO C 26 16.72 -15.92 7.25
C PRO C 26 17.84 -16.88 6.81
N ASP C 27 17.75 -18.13 7.26
CA ASP C 27 18.68 -19.24 6.88
C ASP C 27 18.28 -19.77 5.50
N GLU C 28 19.18 -20.50 4.83
CA GLU C 28 18.98 -21.01 3.45
C GLU C 28 17.75 -21.93 3.40
N GLU C 29 17.51 -22.72 4.45
CA GLU C 29 16.38 -23.69 4.55
C GLU C 29 15.04 -22.95 4.41
N SER C 30 14.90 -21.81 5.10
CA SER C 30 13.65 -20.99 5.16
C SER C 30 13.48 -20.17 3.87
N VAL C 31 14.58 -19.70 3.29
CA VAL C 31 14.58 -18.88 2.04
C VAL C 31 14.00 -19.71 0.89
N LEU C 32 14.45 -20.96 0.73
CA LEU C 32 13.99 -21.88 -0.34
C LEU C 32 12.53 -22.27 -0.13
N ARG C 33 12.13 -22.53 1.12
CA ARG C 33 10.75 -22.99 1.49
C ARG C 33 9.74 -21.90 1.17
N GLU C 34 9.98 -20.66 1.62
CA GLU C 34 9.08 -19.50 1.43
C GLU C 34 9.28 -18.91 0.02
N GLY C 35 10.51 -18.97 -0.51
CA GLY C 35 10.88 -18.46 -1.84
C GLY C 35 10.14 -19.20 -2.95
N ARG C 36 10.08 -20.54 -2.87
CA ARG C 36 9.46 -21.41 -3.91
C ARG C 36 7.93 -21.20 -3.91
N SER C 37 7.37 -20.76 -2.78
CA SER C 37 5.94 -20.37 -2.63
C SER C 37 5.67 -19.11 -3.46
N LEU C 38 6.54 -18.10 -3.33
CA LEU C 38 6.45 -16.79 -4.03
C LEU C 38 6.68 -16.99 -5.53
N LEU C 39 7.66 -17.80 -5.90
CA LEU C 39 8.00 -18.09 -7.32
C LEU C 39 6.87 -18.92 -7.95
N GLY C 40 6.28 -19.84 -7.18
CA GLY C 40 5.07 -20.59 -7.59
C GLY C 40 3.96 -19.64 -8.00
N GLU C 41 3.72 -18.58 -7.21
CA GLU C 41 2.65 -17.57 -7.42
C GLU C 41 2.92 -16.80 -8.73
N LEU C 42 4.20 -16.60 -9.10
CA LEU C 42 4.60 -15.81 -10.30
C LEU C 42 4.40 -16.62 -11.58
N VAL C 43 4.94 -17.85 -11.64
CA VAL C 43 5.06 -18.66 -12.89
C VAL C 43 3.77 -19.44 -13.19
N ARG C 44 2.81 -19.46 -12.26
CA ARG C 44 1.47 -20.06 -12.48
C ARG C 44 0.74 -19.27 -13.57
N HIS C 45 0.90 -17.94 -13.58
CA HIS C 45 0.32 -17.02 -14.60
C HIS C 45 1.39 -16.70 -15.65
N ASP C 46 1.09 -16.90 -16.94
CA ASP C 46 2.01 -16.59 -18.07
C ASP C 46 1.40 -15.42 -18.89
N ASP C 47 1.33 -14.24 -18.28
CA ASP C 47 0.66 -13.04 -18.86
C ASP C 47 1.41 -11.75 -18.48
N TRP C 48 2.71 -11.85 -18.18
CA TRP C 48 3.51 -10.74 -17.57
C TRP C 48 4.88 -10.60 -18.24
N LEU C 49 5.53 -11.69 -18.63
CA LEU C 49 6.88 -11.68 -19.25
C LEU C 49 6.82 -10.94 -20.59
N PRO C 50 7.51 -9.79 -20.74
CA PRO C 50 7.59 -9.11 -22.04
C PRO C 50 8.19 -10.00 -23.13
N GLU C 51 7.63 -9.95 -24.34
CA GLU C 51 8.01 -10.79 -25.51
C GLU C 51 9.52 -10.63 -25.79
N GLU C 52 10.08 -9.44 -25.54
CA GLU C 52 11.51 -9.11 -25.76
C GLU C 52 12.40 -10.09 -24.99
N PHE C 53 11.96 -10.53 -23.81
CA PHE C 53 12.74 -11.41 -22.88
C PHE C 53 12.14 -12.83 -22.87
N ALA C 54 11.54 -13.26 -23.98
CA ALA C 54 11.04 -14.63 -24.21
C ALA C 54 11.54 -15.18 -25.56
N GLN C 55 12.50 -14.49 -26.18
CA GLN C 55 12.95 -14.74 -27.58
C GLN C 55 14.03 -15.83 -27.58
N PRO C 56 13.82 -16.94 -28.31
CA PRO C 56 14.88 -17.92 -28.50
C PRO C 56 15.91 -17.45 -29.53
N ASP C 57 17.19 -17.78 -29.30
CA ASP C 57 18.28 -17.66 -30.29
C ASP C 57 18.55 -19.05 -30.84
N PRO C 58 18.80 -19.23 -32.16
CA PRO C 58 19.04 -20.55 -32.72
C PRO C 58 20.44 -21.16 -32.47
N GLU C 59 21.37 -20.44 -31.84
CA GLU C 59 22.76 -20.90 -31.62
C GLU C 59 22.97 -21.30 -30.15
N ARG C 60 22.69 -20.40 -29.21
CA ARG C 60 22.85 -20.63 -27.74
C ARG C 60 21.54 -20.29 -27.03
N TYR C 61 21.26 -20.96 -25.90
CA TYR C 61 20.17 -20.61 -24.95
C TYR C 61 20.40 -19.20 -24.43
N GLN C 62 19.34 -18.41 -24.27
CA GLN C 62 19.40 -16.98 -23.88
C GLN C 62 19.12 -16.85 -22.37
N GLN C 63 19.84 -15.93 -21.71
CA GLN C 63 19.69 -15.59 -20.28
C GLN C 63 19.36 -14.10 -20.16
N TYR C 64 18.08 -13.76 -20.00
CA TYR C 64 17.59 -12.36 -19.91
C TYR C 64 17.42 -11.97 -18.43
N LEU C 65 18.21 -11.02 -17.95
CA LEU C 65 18.07 -10.46 -16.58
C LEU C 65 16.80 -9.59 -16.54
N LEU C 66 15.91 -9.85 -15.58
CA LEU C 66 14.63 -9.10 -15.39
C LEU C 66 14.78 -8.09 -14.25
N HIS C 67 15.51 -8.45 -13.18
CA HIS C 67 15.76 -7.57 -12.01
C HIS C 67 16.99 -8.06 -11.22
N ALA C 68 17.77 -7.12 -10.68
CA ALA C 68 18.89 -7.34 -9.74
C ALA C 68 18.74 -6.42 -8.54
N ASP C 69 18.93 -6.94 -7.33
CA ASP C 69 18.84 -6.16 -6.07
C ASP C 69 20.00 -5.15 -6.04
N SER C 70 19.76 -3.99 -5.42
CA SER C 70 20.75 -2.88 -5.25
C SER C 70 22.07 -3.42 -4.69
N ARG C 71 22.00 -4.32 -3.70
CA ARG C 71 23.16 -4.86 -2.95
C ARG C 71 23.60 -6.19 -3.54
N GLN C 72 23.03 -6.60 -4.68
CA GLN C 72 23.27 -7.92 -5.33
C GLN C 72 22.94 -9.05 -4.36
N ARG C 73 21.93 -8.86 -3.50
CA ARG C 73 21.37 -9.91 -2.60
C ARG C 73 20.79 -11.05 -3.43
N PHE C 74 20.10 -10.72 -4.53
CA PHE C 74 19.43 -11.69 -5.43
C PHE C 74 19.24 -11.10 -6.83
N SER C 75 18.92 -11.97 -7.80
CA SER C 75 18.62 -11.62 -9.21
C SER C 75 17.53 -12.55 -9.75
N VAL C 76 16.72 -12.06 -10.69
CA VAL C 76 15.62 -12.82 -11.34
C VAL C 76 15.89 -12.84 -12.85
N VAL C 77 16.01 -14.03 -13.44
CA VAL C 77 16.49 -14.23 -14.84
C VAL C 77 15.49 -15.11 -15.60
N SER C 78 15.11 -14.69 -16.80
CA SER C 78 14.35 -15.49 -17.79
C SER C 78 15.34 -16.27 -18.65
N PHE C 79 15.38 -17.59 -18.50
CA PHE C 79 16.15 -18.53 -19.36
C PHE C 79 15.23 -19.03 -20.47
N VAL C 80 15.68 -18.95 -21.72
CA VAL C 80 14.87 -19.31 -22.92
C VAL C 80 15.66 -20.29 -23.78
N TRP C 81 15.19 -21.55 -23.87
CA TRP C 81 15.79 -22.62 -24.71
C TRP C 81 14.99 -22.75 -26.02
N GLY C 82 15.69 -22.69 -27.15
CA GLY C 82 15.14 -23.07 -28.47
C GLY C 82 15.00 -24.58 -28.59
N PRO C 83 14.37 -25.10 -29.66
CA PRO C 83 14.19 -26.54 -29.83
C PRO C 83 15.50 -27.33 -29.69
N GLY C 84 15.51 -28.32 -28.80
CA GLY C 84 16.64 -29.25 -28.56
C GLY C 84 17.93 -28.54 -28.20
N GLN C 85 17.84 -27.43 -27.45
CA GLN C 85 19.00 -26.72 -26.86
C GLN C 85 19.21 -27.24 -25.43
N THR C 86 20.29 -26.82 -24.77
CA THR C 86 20.69 -27.27 -23.41
C THR C 86 21.74 -26.35 -22.80
N THR C 87 21.73 -26.20 -21.48
CA THR C 87 22.86 -25.66 -20.67
C THR C 87 23.95 -26.73 -20.62
N PRO C 88 25.21 -26.36 -20.34
CA PRO C 88 26.22 -27.36 -19.98
C PRO C 88 25.92 -27.82 -18.55
N VAL C 89 26.54 -28.92 -18.10
CA VAL C 89 26.55 -29.29 -16.66
C VAL C 89 27.28 -28.16 -15.93
N HIS C 90 26.67 -27.58 -14.90
CA HIS C 90 27.17 -26.38 -14.19
C HIS C 90 26.72 -26.39 -12.72
N ASP C 91 27.46 -25.69 -11.85
CA ASP C 91 27.06 -25.40 -10.45
C ASP C 91 26.71 -23.91 -10.36
N HIS C 92 26.33 -23.43 -9.17
CA HIS C 92 25.80 -22.07 -8.92
C HIS C 92 26.59 -21.37 -7.81
N ARG C 93 26.94 -22.12 -6.75
CA ARG C 93 27.73 -21.65 -5.58
C ARG C 93 26.90 -20.61 -4.81
N VAL C 94 25.58 -20.62 -5.01
CA VAL C 94 24.56 -19.81 -4.28
C VAL C 94 23.23 -20.57 -4.37
N TRP C 95 22.29 -20.30 -3.48
CA TRP C 95 20.93 -20.89 -3.53
C TRP C 95 20.25 -20.43 -4.83
N GLY C 96 19.52 -21.34 -5.48
CA GLY C 96 18.76 -21.08 -6.72
C GLY C 96 17.36 -21.66 -6.65
N LEU C 97 16.41 -21.03 -7.35
CA LEU C 97 15.02 -21.53 -7.55
C LEU C 97 14.67 -21.44 -9.03
N ILE C 98 14.39 -22.56 -9.68
CA ILE C 98 13.96 -22.61 -11.11
C ILE C 98 12.44 -22.79 -11.14
N GLY C 99 11.71 -21.76 -11.57
CA GLY C 99 10.26 -21.78 -11.79
C GLY C 99 9.93 -21.99 -13.26
N MET C 100 9.27 -23.09 -13.60
CA MET C 100 8.86 -23.43 -14.99
C MET C 100 7.68 -22.54 -15.39
N LEU C 101 7.74 -21.92 -16.58
CA LEU C 101 6.76 -20.90 -17.06
C LEU C 101 6.00 -21.42 -18.29
N ARG C 102 6.73 -21.84 -19.33
CA ARG C 102 6.17 -22.15 -20.67
C ARG C 102 6.98 -23.27 -21.32
N GLY C 103 6.29 -24.18 -22.01
CA GLY C 103 6.91 -25.33 -22.73
C GLY C 103 7.18 -26.48 -21.79
N ALA C 104 8.22 -27.27 -22.09
CA ALA C 104 8.66 -28.46 -21.32
C ALA C 104 10.19 -28.55 -21.35
N GLU C 105 10.82 -28.72 -20.17
CA GLU C 105 12.28 -28.94 -20.03
C GLU C 105 12.54 -29.87 -18.84
N ASP C 106 13.68 -30.57 -18.87
CA ASP C 106 14.11 -31.58 -17.87
C ASP C 106 15.41 -31.10 -17.20
N ALA C 107 15.57 -31.38 -15.91
CA ALA C 107 16.73 -30.96 -15.08
C ALA C 107 17.38 -32.20 -14.45
N GLN C 108 18.47 -32.69 -15.05
CA GLN C 108 19.28 -33.85 -14.57
C GLN C 108 20.29 -33.37 -13.52
N SER C 109 20.07 -33.69 -12.24
CA SER C 109 21.02 -33.42 -11.13
C SER C 109 22.24 -34.35 -11.27
N PHE C 110 23.42 -33.85 -10.88
CA PHE C 110 24.72 -34.55 -10.99
C PHE C 110 25.49 -34.46 -9.67
N GLU C 111 26.46 -35.37 -9.51
CA GLU C 111 27.33 -35.49 -8.32
C GLU C 111 28.75 -35.80 -8.81
N LEU C 112 29.78 -35.31 -8.11
CA LEU C 112 31.21 -35.57 -8.41
C LEU C 112 31.66 -36.86 -7.72
N GLY C 113 31.84 -37.94 -8.50
CA GLY C 113 32.31 -39.26 -8.03
C GLY C 113 33.75 -39.52 -8.42
N ALA C 114 34.27 -40.70 -8.07
CA ALA C 114 35.66 -41.13 -8.36
C ALA C 114 35.90 -41.13 -9.88
N GLU C 115 35.02 -41.80 -10.64
CA GLU C 115 35.12 -41.96 -12.11
C GLU C 115 34.93 -40.61 -12.80
N GLY C 116 34.17 -39.68 -12.19
CA GLY C 116 33.95 -38.31 -12.69
C GLY C 116 32.57 -37.80 -12.33
N LEU C 117 31.72 -37.58 -13.34
CA LEU C 117 30.30 -37.14 -13.17
C LEU C 117 29.41 -38.39 -13.18
N ARG C 118 28.56 -38.54 -12.15
CA ARG C 118 27.51 -39.59 -12.10
C ARG C 118 26.16 -38.89 -11.92
N PRO C 119 25.16 -39.16 -12.80
CA PRO C 119 23.82 -38.59 -12.61
C PRO C 119 23.17 -39.11 -11.31
N ILE C 120 22.95 -38.21 -10.35
CA ILE C 120 22.29 -38.50 -9.04
C ILE C 120 20.78 -38.39 -9.23
N GLY C 121 20.14 -39.44 -9.75
CA GLY C 121 18.67 -39.58 -9.83
C GLY C 121 18.16 -39.60 -11.27
N ASP C 122 16.84 -39.59 -11.43
CA ASP C 122 16.12 -39.55 -12.74
C ASP C 122 15.98 -38.08 -13.18
N PRO C 123 15.94 -37.79 -14.51
CA PRO C 123 15.70 -36.43 -14.98
C PRO C 123 14.36 -35.90 -14.45
N VAL C 124 14.38 -34.81 -13.68
CA VAL C 124 13.16 -34.13 -13.14
C VAL C 124 12.42 -33.46 -14.30
N ARG C 125 11.16 -33.82 -14.52
CA ARG C 125 10.34 -33.37 -15.68
C ARG C 125 9.45 -32.21 -15.21
N LEU C 126 9.76 -31.01 -15.70
CA LEU C 126 9.12 -29.73 -15.29
C LEU C 126 7.99 -29.38 -16.26
N SER C 127 6.83 -29.01 -15.72
CA SER C 127 5.67 -28.45 -16.45
C SER C 127 5.31 -27.11 -15.83
N PRO C 128 4.68 -26.18 -16.60
CA PRO C 128 4.37 -24.84 -16.11
C PRO C 128 3.80 -24.86 -14.67
N GLY C 129 4.45 -24.13 -13.76
CA GLY C 129 4.01 -23.97 -12.35
C GLY C 129 4.97 -24.64 -11.38
N GLN C 130 5.63 -25.73 -11.82
CA GLN C 130 6.58 -26.55 -11.02
C GLN C 130 7.78 -25.67 -10.63
N VAL C 131 8.24 -25.79 -9.38
CA VAL C 131 9.41 -25.03 -8.83
C VAL C 131 10.36 -26.02 -8.16
N GLU C 132 11.63 -26.02 -8.58
CA GLU C 132 12.73 -26.80 -7.97
C GLU C 132 13.76 -25.82 -7.39
N ALA C 133 14.70 -26.34 -6.60
CA ALA C 133 15.78 -25.57 -5.92
C ALA C 133 17.13 -26.22 -6.20
N VAL C 134 18.19 -25.42 -6.09
CA VAL C 134 19.63 -25.87 -6.15
C VAL C 134 20.42 -25.00 -5.15
N SER C 135 21.47 -25.57 -4.56
CA SER C 135 22.42 -24.88 -3.65
C SER C 135 23.62 -25.78 -3.39
N PRO C 136 24.71 -25.27 -2.79
CA PRO C 136 25.83 -26.12 -2.37
C PRO C 136 25.37 -27.17 -1.35
N ARG C 137 24.46 -26.78 -0.46
CA ARG C 137 23.96 -27.60 0.68
C ARG C 137 23.18 -28.83 0.17
N ILE C 138 22.26 -28.64 -0.79
CA ILE C 138 21.19 -29.61 -1.14
C ILE C 138 21.46 -30.32 -2.49
N GLY C 139 22.41 -29.84 -3.28
CA GLY C 139 22.74 -30.39 -4.61
C GLY C 139 22.85 -29.29 -5.65
N ASP C 140 24.09 -28.94 -6.04
CA ASP C 140 24.42 -27.67 -6.74
C ASP C 140 24.63 -27.89 -8.23
N ILE C 141 24.96 -29.12 -8.66
CA ILE C 141 25.30 -29.43 -10.08
C ILE C 141 24.06 -30.00 -10.78
N HIS C 142 23.74 -29.51 -11.97
CA HIS C 142 22.64 -30.00 -12.84
C HIS C 142 22.86 -29.62 -14.31
N ARG C 143 21.95 -30.06 -15.17
CA ARG C 143 21.87 -29.71 -16.62
C ARG C 143 20.39 -29.54 -16.99
N VAL C 144 19.99 -28.33 -17.36
CA VAL C 144 18.60 -27.98 -17.80
C VAL C 144 18.57 -27.97 -19.34
N PHE C 145 17.58 -28.60 -19.96
CA PHE C 145 17.48 -28.75 -21.44
C PHE C 145 16.02 -28.87 -21.88
N ASN C 146 15.71 -28.31 -23.06
CA ASN C 146 14.36 -28.29 -23.68
C ASN C 146 13.96 -29.72 -24.05
N ALA C 147 12.79 -30.16 -23.57
CA ALA C 147 12.23 -31.52 -23.80
C ALA C 147 11.55 -31.58 -25.17
N SER C 148 10.86 -30.51 -25.57
CA SER C 148 10.16 -30.41 -26.88
C SER C 148 11.18 -30.28 -28.01
N PRO C 149 10.92 -30.87 -29.20
CA PRO C 149 11.82 -30.74 -30.34
C PRO C 149 11.41 -29.70 -31.40
N ASP C 150 10.35 -28.91 -31.13
CA ASP C 150 9.78 -27.91 -32.08
C ASP C 150 9.41 -26.61 -31.35
N GLN C 151 8.84 -26.70 -30.14
CA GLN C 151 8.47 -25.54 -29.28
C GLN C 151 9.71 -25.00 -28.57
N PRO C 152 9.74 -23.70 -28.20
CA PRO C 152 10.70 -23.19 -27.24
C PRO C 152 10.20 -23.42 -25.80
N SER C 153 11.11 -23.38 -24.82
CA SER C 153 10.80 -23.56 -23.38
C SER C 153 11.42 -22.41 -22.57
N ILE C 154 10.68 -21.91 -21.59
CA ILE C 154 11.07 -20.76 -20.73
C ILE C 154 10.86 -21.15 -19.27
N SER C 155 11.81 -20.78 -18.40
CA SER C 155 11.71 -20.87 -16.93
C SER C 155 12.33 -19.61 -16.32
N ILE C 156 11.74 -19.13 -15.22
CA ILE C 156 12.22 -17.95 -14.45
C ILE C 156 13.07 -18.46 -13.29
N HIS C 157 14.37 -18.17 -13.33
CA HIS C 157 15.38 -18.59 -12.32
C HIS C 157 15.61 -17.43 -11.34
N VAL C 158 15.67 -17.73 -10.04
CA VAL C 158 15.99 -16.75 -8.95
C VAL C 158 17.18 -17.30 -8.17
N TYR C 159 18.22 -16.47 -7.99
CA TYR C 159 19.51 -16.85 -7.34
C TYR C 159 19.82 -15.90 -6.19
N GLY C 160 20.67 -16.35 -5.26
CA GLY C 160 21.13 -15.58 -4.08
C GLY C 160 22.38 -14.78 -4.40
N ALA C 161 22.35 -14.03 -5.50
CA ALA C 161 23.45 -13.18 -6.01
C ALA C 161 23.04 -12.57 -7.35
N ASN C 162 23.93 -11.77 -7.96
CA ASN C 162 23.86 -11.34 -9.38
C ASN C 162 24.48 -12.46 -10.22
N ILE C 163 23.69 -13.46 -10.58
CA ILE C 163 24.15 -14.80 -11.11
C ILE C 163 25.08 -14.61 -12.32
N GLY C 164 24.86 -13.58 -13.13
CA GLY C 164 25.61 -13.32 -14.39
C GLY C 164 27.07 -12.96 -14.15
N ALA C 165 27.42 -12.54 -12.92
CA ALA C 165 28.78 -12.05 -12.53
C ALA C 165 29.46 -13.03 -11.58
N VAL C 166 28.76 -14.06 -11.10
CA VAL C 166 29.32 -15.09 -10.17
C VAL C 166 30.38 -15.90 -10.91
N ARG C 167 31.56 -16.07 -10.30
CA ARG C 167 32.62 -16.99 -10.77
C ARG C 167 32.26 -18.40 -10.29
N ARG C 168 31.74 -19.22 -11.20
CA ARG C 168 31.35 -20.63 -10.93
C ARG C 168 32.02 -21.51 -12.01
N ALA C 169 31.49 -22.71 -12.25
CA ALA C 169 32.16 -23.72 -13.11
C ALA C 169 31.14 -24.48 -13.97
N VAL C 170 31.57 -24.93 -15.15
CA VAL C 170 30.96 -26.06 -15.90
C VAL C 170 31.79 -27.31 -15.61
N TYR C 171 31.24 -28.49 -15.90
CA TYR C 171 31.89 -29.81 -15.64
C TYR C 171 31.86 -30.64 -16.92
N LEU C 172 33.00 -31.26 -17.24
CA LEU C 172 33.18 -32.17 -18.39
C LEU C 172 32.91 -33.60 -17.92
N PRO C 173 32.76 -34.58 -18.84
CA PRO C 173 32.44 -35.96 -18.45
C PRO C 173 33.36 -36.58 -17.38
N ASP C 174 34.67 -36.33 -17.47
CA ASP C 174 35.71 -36.87 -16.55
C ASP C 174 35.62 -36.20 -15.18
N GLY C 175 34.94 -35.06 -15.07
CA GLY C 175 34.62 -34.38 -13.80
C GLY C 175 35.56 -33.22 -13.50
N SER C 176 36.25 -32.70 -14.51
CA SER C 176 37.19 -31.55 -14.41
C SER C 176 36.42 -30.23 -14.53
N GLU C 177 36.67 -29.30 -13.60
CA GLU C 177 36.07 -27.94 -13.59
C GLU C 177 36.74 -27.07 -14.66
N LYS C 178 35.94 -26.27 -15.38
CA LYS C 178 36.41 -25.08 -16.15
C LYS C 178 35.70 -23.86 -15.56
N PRO C 179 36.40 -22.72 -15.34
CA PRO C 179 35.75 -21.50 -14.85
C PRO C 179 34.58 -21.09 -15.77
N PHE C 180 33.53 -20.52 -15.18
CA PHE C 180 32.25 -20.16 -15.87
C PHE C 180 31.70 -18.86 -15.30
N ILE C 181 31.57 -17.84 -16.14
CA ILE C 181 30.78 -16.59 -15.90
C ILE C 181 29.76 -16.46 -17.03
N SER C 182 28.47 -16.64 -16.72
CA SER C 182 27.37 -16.81 -17.69
C SER C 182 27.06 -15.50 -18.40
N GLY C 183 27.06 -14.38 -17.67
CA GLY C 183 26.66 -13.06 -18.18
C GLY C 183 25.17 -13.02 -18.48
N TYR C 184 24.75 -12.14 -19.38
CA TYR C 184 23.33 -11.92 -19.77
C TYR C 184 23.25 -11.65 -21.28
N SER C 185 22.10 -11.93 -21.88
CA SER C 185 21.83 -11.83 -23.33
C SER C 185 21.27 -10.45 -23.68
N ASN C 186 20.75 -9.72 -22.70
CA ASN C 186 20.04 -8.42 -22.90
C ASN C 186 20.93 -7.27 -22.42
N GLN C 187 20.87 -6.12 -23.10
CA GLN C 187 21.54 -4.86 -22.69
C GLN C 187 20.56 -3.98 -21.90
N PHE C 188 19.25 -4.25 -22.00
CA PHE C 188 18.19 -3.50 -21.29
C PHE C 188 17.31 -4.46 -20.46
N LEU C 189 16.89 -3.99 -19.27
CA LEU C 189 15.92 -4.69 -18.38
C LEU C 189 14.54 -4.10 -18.64
N PRO C 190 13.45 -4.80 -18.23
CA PRO C 190 12.11 -4.22 -18.28
C PRO C 190 11.89 -3.20 -17.16
N ASN C 191 11.17 -2.10 -17.44
CA ASN C 191 10.76 -1.10 -16.41
C ASN C 191 9.44 -1.57 -15.79
N ILE C 192 9.54 -2.18 -14.61
CA ILE C 192 8.38 -2.78 -13.87
C ILE C 192 7.88 -1.79 -12.82
N TRP C 193 8.38 -0.55 -12.83
CA TRP C 193 8.25 0.42 -11.71
C TRP C 193 7.36 1.62 -12.06
N ASP C 194 6.77 1.64 -13.26
CA ASP C 194 5.80 2.71 -13.67
C ASP C 194 4.38 2.18 -13.44
N GLN C 195 3.82 2.46 -12.26
CA GLN C 195 2.54 1.85 -11.76
C GLN C 195 1.31 2.51 -12.40
N SER C 196 1.47 3.67 -13.07
CA SER C 196 0.39 4.38 -13.81
C SER C 196 -0.22 3.45 -14.87
N SER D 4 -42.49 6.31 11.00
CA SER D 4 -41.89 5.24 11.84
C SER D 4 -40.37 5.37 11.85
N PRO D 5 -39.70 5.21 13.02
CA PRO D 5 -38.26 5.41 13.13
C PRO D 5 -37.48 4.25 12.49
N LEU D 6 -36.39 4.59 11.78
CA LEU D 6 -35.36 3.64 11.26
C LEU D 6 -34.80 2.79 12.41
N ARG D 7 -34.75 1.47 12.21
CA ARG D 7 -34.30 0.48 13.21
C ARG D 7 -32.80 0.19 13.01
N LEU D 8 -31.96 1.20 13.21
CA LEU D 8 -30.48 1.12 13.01
C LEU D 8 -29.88 0.08 13.97
N ASP D 9 -30.52 -0.14 15.12
CA ASP D 9 -30.11 -1.15 16.13
C ASP D 9 -29.86 -2.51 15.45
N ARG D 10 -30.62 -2.84 14.41
CA ARG D 10 -30.48 -4.10 13.62
C ARG D 10 -29.05 -4.22 13.09
N LEU D 11 -28.53 -3.14 12.49
CA LEU D 11 -27.18 -3.08 11.88
C LEU D 11 -26.12 -3.05 12.98
N ARG D 12 -26.36 -2.28 14.05
CA ARG D 12 -25.48 -2.19 15.23
C ARG D 12 -25.31 -3.58 15.84
N ASP D 13 -26.41 -4.32 15.98
CA ASP D 13 -26.44 -5.68 16.62
C ASP D 13 -25.73 -6.70 15.72
N PHE D 14 -25.91 -6.59 14.39
CA PHE D 14 -25.25 -7.46 13.38
C PHE D 14 -23.72 -7.30 13.48
N VAL D 15 -23.25 -6.04 13.47
CA VAL D 15 -21.81 -5.66 13.52
C VAL D 15 -21.20 -6.23 14.81
N SER D 16 -21.88 -6.08 15.95
CA SER D 16 -21.43 -6.54 17.29
C SER D 16 -21.31 -8.06 17.31
N ALA D 17 -22.35 -8.75 16.81
CA ALA D 17 -22.43 -10.24 16.73
C ALA D 17 -21.30 -10.77 15.84
N LEU D 18 -21.06 -10.11 14.70
CA LEU D 18 -20.03 -10.50 13.70
C LEU D 18 -18.64 -10.21 14.24
N GLY D 19 -18.51 -9.19 15.10
CA GLY D 19 -17.27 -8.89 15.84
C GLY D 19 -16.96 -9.99 16.84
N GLU D 20 -17.95 -10.38 17.65
CA GLU D 20 -17.87 -11.50 18.63
C GLU D 20 -17.41 -12.77 17.91
N LEU D 21 -18.06 -13.08 16.79
CA LEU D 21 -17.80 -14.28 15.95
C LEU D 21 -16.30 -14.35 15.59
N LEU D 22 -15.75 -13.28 15.01
CA LEU D 22 -14.39 -13.28 14.42
C LEU D 22 -13.30 -13.18 15.50
N ASP D 23 -13.67 -12.83 16.74
CA ASP D 23 -12.72 -12.73 17.88
C ASP D 23 -12.49 -14.12 18.50
N ARG D 24 -13.34 -15.10 18.15
CA ARG D 24 -13.17 -16.54 18.50
C ARG D 24 -12.30 -17.23 17.45
N HIS D 25 -11.63 -16.46 16.59
CA HIS D 25 -10.65 -16.93 15.55
C HIS D 25 -11.15 -18.19 14.85
N PRO D 26 -12.38 -18.20 14.27
CA PRO D 26 -12.96 -19.41 13.69
C PRO D 26 -12.43 -19.69 12.28
N ASP D 27 -12.67 -20.89 11.76
CA ASP D 27 -12.28 -21.32 10.39
C ASP D 27 -13.30 -20.76 9.39
N GLU D 28 -12.95 -20.68 8.11
CA GLU D 28 -13.80 -20.07 7.04
C GLU D 28 -15.14 -20.82 6.96
N GLU D 29 -15.15 -22.14 7.16
CA GLU D 29 -16.35 -23.01 7.08
C GLU D 29 -17.40 -22.55 8.09
N SER D 30 -16.97 -22.26 9.33
CA SER D 30 -17.84 -21.88 10.48
C SER D 30 -18.29 -20.41 10.35
N VAL D 31 -17.43 -19.54 9.83
CA VAL D 31 -17.69 -18.07 9.64
C VAL D 31 -18.89 -17.91 8.70
N LEU D 32 -18.86 -18.61 7.55
CA LEU D 32 -19.92 -18.54 6.50
C LEU D 32 -21.24 -19.12 7.04
N ARG D 33 -21.16 -20.25 7.77
CA ARG D 33 -22.35 -20.99 8.30
C ARG D 33 -23.09 -20.11 9.31
N GLU D 34 -22.38 -19.55 10.29
CA GLU D 34 -22.96 -18.71 11.38
C GLU D 34 -23.20 -17.28 10.86
N GLY D 35 -22.32 -16.80 9.97
CA GLY D 35 -22.41 -15.46 9.35
C GLY D 35 -23.69 -15.28 8.54
N ARG D 36 -24.04 -16.26 7.72
CA ARG D 36 -25.22 -16.19 6.80
C ARG D 36 -26.51 -16.24 7.62
N SER D 37 -26.46 -16.80 8.84
CA SER D 37 -27.56 -16.82 9.82
C SER D 37 -27.81 -15.38 10.33
N LEU D 38 -26.73 -14.68 10.69
CA LEU D 38 -26.76 -13.28 11.21
C LEU D 38 -27.20 -12.32 10.10
N LEU D 39 -26.68 -12.50 8.89
CA LEU D 39 -27.02 -11.65 7.71
C LEU D 39 -28.47 -11.91 7.29
N GLY D 40 -28.92 -13.16 7.38
CA GLY D 40 -30.33 -13.54 7.18
C GLY D 40 -31.25 -12.73 8.08
N GLU D 41 -30.88 -12.59 9.36
CA GLU D 41 -31.64 -11.88 10.41
C GLU D 41 -31.74 -10.38 10.06
N LEU D 42 -30.71 -9.82 9.40
CA LEU D 42 -30.63 -8.38 9.07
C LEU D 42 -31.52 -8.05 7.86
N VAL D 43 -31.38 -8.78 6.75
CA VAL D 43 -31.95 -8.42 5.41
C VAL D 43 -33.40 -8.92 5.28
N ARG D 44 -33.89 -9.73 6.23
CA ARG D 44 -35.31 -10.17 6.27
C ARG D 44 -36.21 -8.95 6.51
N HIS D 45 -35.76 -8.01 7.35
CA HIS D 45 -36.44 -6.72 7.65
C HIS D 45 -35.83 -5.60 6.81
N ASP D 46 -36.66 -4.85 6.07
CA ASP D 46 -36.23 -3.70 5.22
C ASP D 46 -36.80 -2.41 5.84
N ASP D 47 -36.32 -2.05 7.03
CA ASP D 47 -36.85 -0.92 7.83
C ASP D 47 -35.72 -0.21 8.59
N TRP D 48 -34.48 -0.31 8.10
CA TRP D 48 -33.26 0.13 8.85
C TRP D 48 -32.28 0.89 7.94
N LEU D 49 -32.14 0.50 6.67
CA LEU D 49 -31.17 1.13 5.72
C LEU D 49 -31.57 2.59 5.47
N PRO D 50 -30.75 3.58 5.87
CA PRO D 50 -31.02 4.99 5.55
C PRO D 50 -31.12 5.23 4.04
N GLU D 51 -32.08 6.06 3.62
CA GLU D 51 -32.40 6.37 2.21
C GLU D 51 -31.14 6.85 1.48
N GLU D 52 -30.25 7.56 2.19
CA GLU D 52 -28.99 8.14 1.64
C GLU D 52 -28.14 7.03 1.01
N PHE D 53 -28.17 5.82 1.58
CA PHE D 53 -27.33 4.65 1.17
C PHE D 53 -28.20 3.60 0.48
N ALA D 54 -29.28 4.03 -0.18
CA ALA D 54 -30.17 3.19 -1.04
C ALA D 54 -30.37 3.85 -2.41
N GLN D 55 -29.60 4.90 -2.72
CA GLN D 55 -29.81 5.77 -3.90
C GLN D 55 -29.13 5.17 -5.12
N PRO D 56 -29.87 4.90 -6.22
CA PRO D 56 -29.25 4.49 -7.47
C PRO D 56 -28.61 5.69 -8.20
N ASP D 57 -27.48 5.45 -8.86
CA ASP D 57 -26.85 6.39 -9.83
C ASP D 57 -27.17 5.84 -11.22
N PRO D 58 -27.51 6.71 -12.21
CA PRO D 58 -27.84 6.24 -13.55
C PRO D 58 -26.66 5.83 -14.45
N GLU D 59 -25.41 6.00 -14.00
CA GLU D 59 -24.19 5.70 -14.81
C GLU D 59 -23.53 4.40 -14.34
N ARG D 60 -23.18 4.31 -13.05
CA ARG D 60 -22.52 3.12 -12.44
C ARG D 60 -23.32 2.66 -11.22
N TYR D 61 -23.28 1.35 -10.91
CA TYR D 61 -23.81 0.77 -9.65
C TYR D 61 -23.04 1.38 -8.47
N GLN D 62 -23.74 1.68 -7.37
CA GLN D 62 -23.19 2.38 -6.19
C GLN D 62 -22.80 1.34 -5.12
N GLN D 63 -21.67 1.58 -4.45
CA GLN D 63 -21.15 0.76 -3.32
C GLN D 63 -21.02 1.68 -2.09
N TYR D 64 -22.02 1.66 -1.20
CA TYR D 64 -22.07 2.49 0.03
C TYR D 64 -21.53 1.68 1.22
N LEU D 65 -20.38 2.09 1.78
CA LEU D 65 -19.84 1.48 3.02
C LEU D 65 -20.71 1.90 4.20
N LEU D 66 -21.19 0.93 4.99
CA LEU D 66 -22.05 1.16 6.17
C LEU D 66 -21.20 1.06 7.45
N HIS D 67 -20.25 0.13 7.49
CA HIS D 67 -19.33 -0.06 8.65
C HIS D 67 -18.07 -0.83 8.23
N ALA D 68 -16.92 -0.47 8.82
CA ALA D 68 -15.63 -1.17 8.70
C ALA D 68 -15.06 -1.41 10.09
N ASP D 69 -14.54 -2.62 10.36
CA ASP D 69 -13.91 -2.98 11.66
C ASP D 69 -12.62 -2.18 11.82
N SER D 70 -12.29 -1.83 13.07
CA SER D 70 -11.07 -1.07 13.45
C SER D 70 -9.82 -1.70 12.81
N ARG D 71 -9.73 -3.03 12.84
CA ARG D 71 -8.54 -3.81 12.39
C ARG D 71 -8.73 -4.28 10.93
N GLN D 72 -9.77 -3.81 10.25
CA GLN D 72 -10.14 -4.23 8.86
C GLN D 72 -10.37 -5.75 8.83
N ARG D 73 -10.89 -6.33 9.91
CA ARG D 73 -11.29 -7.76 10.00
C ARG D 73 -12.43 -8.02 9.01
N PHE D 74 -13.38 -7.09 8.89
CA PHE D 74 -14.57 -7.19 8.01
C PHE D 74 -15.12 -5.80 7.68
N SER D 75 -16.01 -5.75 6.69
CA SER D 75 -16.73 -4.53 6.23
C SER D 75 -18.15 -4.92 5.78
N VAL D 76 -19.11 -4.01 5.93
CA VAL D 76 -20.54 -4.19 5.55
C VAL D 76 -20.90 -3.10 4.55
N VAL D 77 -21.31 -3.48 3.33
CA VAL D 77 -21.50 -2.55 2.19
C VAL D 77 -22.90 -2.74 1.60
N SER D 78 -23.62 -1.63 1.37
CA SER D 78 -24.88 -1.57 0.60
C SER D 78 -24.55 -1.37 -0.89
N PHE D 79 -24.78 -2.38 -1.71
CA PHE D 79 -24.67 -2.32 -3.19
C PHE D 79 -26.05 -1.98 -3.76
N VAL D 80 -26.13 -0.96 -4.62
CA VAL D 80 -27.41 -0.45 -5.20
C VAL D 80 -27.28 -0.40 -6.73
N TRP D 81 -28.05 -1.25 -7.42
CA TRP D 81 -28.12 -1.31 -8.90
C TRP D 81 -29.37 -0.56 -9.38
N GLY D 82 -29.18 0.38 -10.31
CA GLY D 82 -30.27 1.00 -11.09
C GLY D 82 -30.82 0.02 -12.13
N PRO D 83 -31.94 0.35 -12.82
CA PRO D 83 -32.52 -0.55 -13.82
C PRO D 83 -31.49 -1.02 -14.86
N GLY D 84 -31.37 -2.34 -15.03
CA GLY D 84 -30.50 -3.01 -16.02
C GLY D 84 -29.04 -2.62 -15.90
N GLN D 85 -28.55 -2.40 -14.67
CA GLN D 85 -27.11 -2.20 -14.36
C GLN D 85 -26.49 -3.55 -13.99
N THR D 86 -25.16 -3.61 -13.82
CA THR D 86 -24.40 -4.86 -13.51
C THR D 86 -23.00 -4.53 -13.00
N THR D 87 -22.46 -5.40 -12.13
CA THR D 87 -21.00 -5.47 -11.80
C THR D 87 -20.29 -6.11 -12.98
N PRO D 88 -18.96 -5.93 -13.13
CA PRO D 88 -18.19 -6.75 -14.05
C PRO D 88 -18.03 -8.14 -13.42
N VAL D 89 -17.58 -9.13 -14.19
CA VAL D 89 -17.12 -10.44 -13.63
C VAL D 89 -15.90 -10.10 -12.76
N HIS D 90 -15.89 -10.53 -11.49
CA HIS D 90 -14.86 -10.16 -10.48
C HIS D 90 -14.70 -11.29 -9.46
N ASP D 91 -13.54 -11.35 -8.80
CA ASP D 91 -13.26 -12.20 -7.62
C ASP D 91 -13.16 -11.29 -6.40
N HIS D 92 -12.92 -11.85 -5.21
CA HIS D 92 -12.94 -11.15 -3.90
C HIS D 92 -11.63 -11.39 -3.14
N ARG D 93 -11.10 -12.61 -3.19
CA ARG D 93 -9.82 -13.03 -2.54
C ARG D 93 -9.98 -12.95 -1.01
N VAL D 94 -11.24 -12.96 -0.55
CA VAL D 94 -11.64 -13.06 0.89
C VAL D 94 -13.04 -13.67 0.91
N TRP D 95 -13.47 -14.24 2.04
CA TRP D 95 -14.84 -14.76 2.22
C TRP D 95 -15.84 -13.60 2.09
N GLY D 96 -16.97 -13.84 1.42
CA GLY D 96 -18.04 -12.85 1.21
C GLY D 96 -19.40 -13.45 1.46
N LEU D 97 -20.36 -12.63 1.91
CA LEU D 97 -21.79 -12.99 2.09
C LEU D 97 -22.65 -11.90 1.45
N ILE D 98 -23.44 -12.24 0.43
CA ILE D 98 -24.40 -11.31 -0.23
C ILE D 98 -25.80 -11.60 0.32
N GLY D 99 -26.35 -10.65 1.10
CA GLY D 99 -27.74 -10.68 1.60
C GLY D 99 -28.64 -9.81 0.76
N MET D 100 -29.64 -10.40 0.11
CA MET D 100 -30.63 -9.67 -0.74
C MET D 100 -31.62 -8.93 0.16
N LEU D 101 -31.88 -7.64 -0.13
CA LEU D 101 -32.69 -6.73 0.73
C LEU D 101 -33.97 -6.29 0.01
N ARG D 102 -33.84 -5.75 -1.19
CA ARG D 102 -34.94 -5.06 -1.92
C ARG D 102 -34.77 -5.26 -3.43
N GLY D 103 -35.87 -5.47 -4.15
CA GLY D 103 -35.91 -5.67 -5.61
C GLY D 103 -35.57 -7.10 -5.99
N ALA D 104 -34.97 -7.29 -7.16
CA ALA D 104 -34.58 -8.60 -7.73
C ALA D 104 -33.25 -8.47 -8.49
N GLU D 105 -32.29 -9.36 -8.21
CA GLU D 105 -30.99 -9.42 -8.93
C GLU D 105 -30.53 -10.90 -9.00
N ASP D 106 -29.72 -11.21 -10.02
CA ASP D 106 -29.20 -12.58 -10.31
C ASP D 106 -27.67 -12.56 -10.18
N ALA D 107 -27.09 -13.67 -9.69
CA ALA D 107 -25.64 -13.84 -9.46
C ALA D 107 -25.15 -15.06 -10.25
N GLN D 108 -24.53 -14.82 -11.41
CA GLN D 108 -23.94 -15.86 -12.30
C GLN D 108 -22.51 -16.18 -11.83
N SER D 109 -22.30 -17.36 -11.23
CA SER D 109 -20.96 -17.88 -10.82
C SER D 109 -20.18 -18.27 -12.08
N PHE D 110 -18.86 -18.08 -12.05
CA PHE D 110 -17.93 -18.32 -13.18
C PHE D 110 -16.73 -19.16 -12.72
N GLU D 111 -16.07 -19.79 -13.70
CA GLU D 111 -14.88 -20.65 -13.51
C GLU D 111 -13.90 -20.33 -14.64
N LEU D 112 -12.59 -20.42 -14.37
CA LEU D 112 -11.52 -20.20 -15.38
C LEU D 112 -11.21 -21.52 -16.10
N GLY D 113 -11.67 -21.66 -17.34
CA GLY D 113 -11.59 -22.89 -18.15
C GLY D 113 -10.65 -22.71 -19.32
N ALA D 114 -10.59 -23.70 -20.21
CA ALA D 114 -9.64 -23.77 -21.36
C ALA D 114 -9.88 -22.57 -22.29
N GLU D 115 -11.13 -22.36 -22.72
CA GLU D 115 -11.52 -21.29 -23.69
C GLU D 115 -11.34 -19.91 -23.03
N GLY D 116 -11.47 -19.84 -21.70
CA GLY D 116 -11.40 -18.59 -20.91
C GLY D 116 -12.36 -18.65 -19.72
N LEU D 117 -13.43 -17.84 -19.74
CA LEU D 117 -14.51 -17.84 -18.72
C LEU D 117 -15.65 -18.73 -19.19
N ARG D 118 -16.05 -19.69 -18.35
CA ARG D 118 -17.25 -20.53 -18.58
C ARG D 118 -18.19 -20.38 -17.39
N PRO D 119 -19.48 -20.02 -17.61
CA PRO D 119 -20.45 -19.93 -16.52
C PRO D 119 -20.66 -21.30 -15.86
N ILE D 120 -20.25 -21.44 -14.59
CA ILE D 120 -20.42 -22.67 -13.76
C ILE D 120 -21.82 -22.63 -13.12
N GLY D 121 -22.85 -23.05 -13.87
CA GLY D 121 -24.23 -23.25 -13.37
C GLY D 121 -25.22 -22.27 -13.96
N ASP D 122 -26.46 -22.30 -13.45
CA ASP D 122 -27.57 -21.38 -13.83
C ASP D 122 -27.48 -20.10 -12.99
N PRO D 123 -27.92 -18.93 -13.50
CA PRO D 123 -27.95 -17.69 -12.71
C PRO D 123 -28.79 -17.90 -11.45
N VAL D 124 -28.19 -17.73 -10.26
CA VAL D 124 -28.87 -17.83 -8.93
C VAL D 124 -29.79 -16.61 -8.79
N ARG D 125 -31.09 -16.86 -8.59
CA ARG D 125 -32.16 -15.82 -8.57
C ARG D 125 -32.46 -15.47 -7.10
N LEU D 126 -32.07 -14.26 -6.71
CA LEU D 126 -32.14 -13.75 -5.31
C LEU D 126 -33.43 -12.95 -5.13
N SER D 127 -34.15 -13.24 -4.03
CA SER D 127 -35.33 -12.47 -3.55
C SER D 127 -35.05 -12.03 -2.12
N PRO D 128 -35.67 -10.92 -1.65
CA PRO D 128 -35.42 -10.40 -0.31
C PRO D 128 -35.35 -11.50 0.77
N GLY D 129 -34.23 -11.58 1.50
CA GLY D 129 -34.02 -12.52 2.61
C GLY D 129 -32.97 -13.58 2.28
N GLN D 130 -32.84 -13.92 0.99
CA GLN D 130 -31.89 -14.94 0.46
C GLN D 130 -30.45 -14.49 0.75
N VAL D 131 -29.60 -15.40 1.20
CA VAL D 131 -28.15 -15.14 1.49
C VAL D 131 -27.30 -16.19 0.77
N GLU D 132 -26.34 -15.73 -0.04
CA GLU D 132 -25.33 -16.58 -0.72
C GLU D 132 -23.94 -16.20 -0.19
N ALA D 133 -22.94 -17.02 -0.50
CA ALA D 133 -21.53 -16.86 -0.06
C ALA D 133 -20.59 -16.95 -1.27
N VAL D 134 -19.40 -16.37 -1.13
CA VAL D 134 -18.27 -16.47 -2.10
C VAL D 134 -16.97 -16.50 -1.29
N SER D 135 -15.94 -17.19 -1.81
CA SER D 135 -14.58 -17.25 -1.24
C SER D 135 -13.64 -17.91 -2.24
N PRO D 136 -12.30 -17.86 -2.04
CA PRO D 136 -11.37 -18.61 -2.89
C PRO D 136 -11.64 -20.13 -2.80
N ARG D 137 -11.99 -20.61 -1.60
CA ARG D 137 -12.19 -22.04 -1.28
C ARG D 137 -13.40 -22.61 -2.03
N ILE D 138 -14.54 -21.89 -2.05
CA ILE D 138 -15.88 -22.45 -2.42
C ILE D 138 -16.35 -21.96 -3.80
N GLY D 139 -15.69 -20.94 -4.38
CA GLY D 139 -16.08 -20.33 -5.67
C GLY D 139 -16.11 -18.82 -5.58
N ASP D 140 -15.09 -18.15 -6.14
CA ASP D 140 -14.75 -16.73 -5.83
C ASP D 140 -15.21 -15.78 -6.95
N ILE D 141 -15.41 -16.28 -8.17
CA ILE D 141 -15.72 -15.45 -9.36
C ILE D 141 -17.23 -15.47 -9.61
N HIS D 142 -17.84 -14.31 -9.83
CA HIS D 142 -19.29 -14.14 -10.17
C HIS D 142 -19.54 -12.79 -10.85
N ARG D 143 -20.81 -12.56 -11.24
CA ARG D 143 -21.33 -11.28 -11.78
C ARG D 143 -22.75 -11.07 -11.22
N VAL D 144 -22.95 -10.01 -10.42
CA VAL D 144 -24.26 -9.63 -9.83
C VAL D 144 -24.88 -8.51 -10.68
N PHE D 145 -26.17 -8.62 -11.03
CA PHE D 145 -26.87 -7.66 -11.93
C PHE D 145 -28.36 -7.60 -11.62
N ASN D 146 -28.95 -6.41 -11.79
CA ASN D 146 -30.39 -6.11 -11.53
C ASN D 146 -31.24 -6.89 -12.53
N ALA D 147 -32.21 -7.67 -12.04
CA ALA D 147 -33.12 -8.51 -12.84
C ALA D 147 -34.28 -7.66 -13.38
N SER D 148 -34.79 -6.72 -12.57
CA SER D 148 -35.90 -5.81 -12.95
C SER D 148 -35.41 -4.79 -13.97
N PRO D 149 -36.25 -4.38 -14.94
CA PRO D 149 -35.89 -3.36 -15.91
C PRO D 149 -36.41 -1.94 -15.63
N ASP D 150 -37.05 -1.73 -14.47
CA ASP D 150 -37.66 -0.42 -14.08
C ASP D 150 -37.38 -0.11 -12.60
N GLN D 151 -37.43 -1.10 -11.71
CA GLN D 151 -37.13 -0.97 -10.26
C GLN D 151 -35.63 -0.95 -10.03
N PRO D 152 -35.14 -0.31 -8.94
CA PRO D 152 -33.77 -0.52 -8.47
C PRO D 152 -33.71 -1.77 -7.58
N SER D 153 -32.50 -2.32 -7.38
CA SER D 153 -32.26 -3.52 -6.54
C SER D 153 -31.12 -3.23 -5.57
N ILE D 154 -31.26 -3.68 -4.31
CA ILE D 154 -30.27 -3.47 -3.21
C ILE D 154 -29.98 -4.81 -2.53
N SER D 155 -28.71 -5.05 -2.22
CA SER D 155 -28.24 -6.18 -1.38
C SER D 155 -27.13 -5.69 -0.45
N ILE D 156 -27.09 -6.22 0.77
CA ILE D 156 -26.07 -5.90 1.80
C ILE D 156 -24.98 -6.98 1.74
N HIS D 157 -23.77 -6.61 1.33
CA HIS D 157 -22.59 -7.50 1.17
C HIS D 157 -21.70 -7.38 2.41
N VAL D 158 -21.21 -8.51 2.92
CA VAL D 158 -20.26 -8.57 4.07
C VAL D 158 -19.04 -9.37 3.63
N TYR D 159 -17.84 -8.82 3.83
CA TYR D 159 -16.55 -9.40 3.36
C TYR D 159 -15.58 -9.54 4.54
N GLY D 160 -14.58 -10.42 4.40
CA GLY D 160 -13.52 -10.67 5.39
C GLY D 160 -12.33 -9.74 5.21
N ALA D 161 -12.60 -8.44 5.09
CA ALA D 161 -11.60 -7.36 4.88
C ALA D 161 -12.33 -6.03 4.70
N ASN D 162 -11.58 -4.94 4.49
CA ASN D 162 -12.08 -3.64 3.98
C ASN D 162 -12.14 -3.73 2.45
N ILE D 163 -13.25 -4.25 1.92
CA ILE D 163 -13.38 -4.75 0.51
C ILE D 163 -12.97 -3.65 -0.49
N GLY D 164 -13.23 -2.37 -0.17
CA GLY D 164 -12.96 -1.22 -1.05
C GLY D 164 -11.48 -0.99 -1.32
N ALA D 165 -10.59 -1.54 -0.48
CA ALA D 165 -9.13 -1.34 -0.54
C ALA D 165 -8.39 -2.62 -0.97
N VAL D 166 -9.09 -3.76 -1.06
CA VAL D 166 -8.50 -5.07 -1.45
C VAL D 166 -8.04 -4.98 -2.91
N ARG D 167 -6.81 -5.41 -3.19
CA ARG D 167 -6.29 -5.59 -4.58
C ARG D 167 -6.79 -6.94 -5.09
N ARG D 168 -7.81 -6.92 -5.95
CA ARG D 168 -8.43 -8.12 -6.58
C ARG D 168 -8.47 -7.87 -8.09
N ALA D 169 -9.34 -8.57 -8.82
CA ALA D 169 -9.35 -8.57 -10.31
C ALA D 169 -10.78 -8.59 -10.86
N VAL D 170 -10.94 -7.99 -12.05
CA VAL D 170 -12.08 -8.28 -12.98
C VAL D 170 -11.55 -9.26 -14.04
N TYR D 171 -12.46 -9.92 -14.76
CA TYR D 171 -12.13 -10.94 -15.79
C TYR D 171 -12.86 -10.58 -17.09
N LEU D 172 -12.14 -10.64 -18.22
CA LEU D 172 -12.66 -10.39 -19.59
C LEU D 172 -13.11 -11.73 -20.19
N PRO D 173 -13.84 -11.74 -21.33
CA PRO D 173 -14.34 -12.98 -21.91
C PRO D 173 -13.28 -14.07 -22.14
N ASP D 174 -12.08 -13.69 -22.60
CA ASP D 174 -10.95 -14.62 -22.92
C ASP D 174 -10.33 -15.17 -21.63
N GLY D 175 -10.60 -14.55 -20.48
CA GLY D 175 -10.22 -15.05 -19.14
C GLY D 175 -8.97 -14.37 -18.59
N SER D 176 -8.60 -13.21 -19.11
CA SER D 176 -7.42 -12.41 -18.69
C SER D 176 -7.80 -11.52 -17.51
N GLU D 177 -6.99 -11.53 -16.45
CA GLU D 177 -7.15 -10.68 -15.24
C GLU D 177 -6.73 -9.23 -15.55
N LYS D 178 -7.48 -8.26 -15.04
CA LYS D 178 -7.06 -6.84 -14.88
C LYS D 178 -7.14 -6.51 -13.38
N PRO D 179 -6.15 -5.82 -12.79
CA PRO D 179 -6.25 -5.39 -11.40
C PRO D 179 -7.55 -4.59 -11.13
N PHE D 180 -8.11 -4.73 -9.94
CA PHE D 180 -9.40 -4.14 -9.53
C PHE D 180 -9.35 -3.72 -8.05
N ILE D 181 -9.54 -2.42 -7.79
CA ILE D 181 -9.83 -1.85 -6.44
C ILE D 181 -11.13 -1.06 -6.56
N SER D 182 -12.19 -1.54 -5.92
CA SER D 182 -13.60 -1.08 -6.11
C SER D 182 -13.82 0.31 -5.49
N GLY D 183 -13.25 0.55 -4.31
CA GLY D 183 -13.47 1.79 -3.53
C GLY D 183 -14.90 1.85 -3.02
N TYR D 184 -15.42 3.06 -2.76
CA TYR D 184 -16.77 3.33 -2.21
C TYR D 184 -17.36 4.59 -2.86
N SER D 185 -18.69 4.70 -2.88
CA SER D 185 -19.46 5.78 -3.54
C SER D 185 -19.73 6.92 -2.56
N ASN D 186 -19.63 6.67 -1.25
CA ASN D 186 -20.07 7.62 -0.19
C ASN D 186 -18.83 8.21 0.49
N GLN D 187 -18.93 9.49 0.88
CA GLN D 187 -17.90 10.23 1.65
C GLN D 187 -18.23 10.15 3.14
N PHE D 188 -19.47 9.80 3.50
CA PHE D 188 -19.96 9.71 4.90
C PHE D 188 -20.58 8.32 5.14
N LEU D 189 -20.36 7.75 6.33
CA LEU D 189 -21.02 6.52 6.82
C LEU D 189 -22.21 6.93 7.69
N PRO D 190 -23.18 6.01 7.93
CA PRO D 190 -24.24 6.29 8.89
C PRO D 190 -23.75 6.17 10.34
N ASN D 191 -24.22 7.04 11.24
CA ASN D 191 -23.94 6.96 12.70
C ASN D 191 -24.97 6.04 13.34
N ILE D 192 -24.59 4.77 13.56
CA ILE D 192 -25.46 3.71 14.11
C ILE D 192 -25.22 3.59 15.62
N TRP D 193 -24.44 4.51 16.21
CA TRP D 193 -23.86 4.37 17.56
C TRP D 193 -24.46 5.37 18.56
N ASP D 194 -25.45 6.17 18.14
CA ASP D 194 -26.13 7.16 19.02
C ASP D 194 -27.43 6.52 19.54
N GLN D 195 -27.36 5.83 20.69
CA GLN D 195 -28.44 4.96 21.21
C GLN D 195 -29.51 5.78 21.94
N SER D 196 -29.23 7.05 22.24
CA SER D 196 -30.14 7.97 22.98
C SER D 196 -31.49 8.10 22.26
#